data_1OAX
#
_entry.id   1OAX
#
_cell.length_a   78.726
_cell.length_b   78.636
_cell.length_c   167.564
_cell.angle_alpha   90.00
_cell.angle_beta   90.00
_cell.angle_gamma   90.00
#
_symmetry.space_group_name_H-M   'P 21 21 21'
#
loop_
_entity.id
_entity.type
_entity.pdbx_description
1 polymer 'IMMUNOGLOBULIN E'
2 polymer 'IMMUNOGLOBULIN E'
3 non-polymer ACENAPHTHENEQUINONE
4 water water
#
loop_
_entity_poly.entity_id
_entity_poly.type
_entity_poly.pdbx_seq_one_letter_code
_entity_poly.pdbx_strand_id
1 'polypeptide(L)'
;EVQLQQSGAELVKPGASVKLSCKASGYTFTSYWMHWVKQRPGRGLEWIGRIDPNGGGTKYNLKFKSKATLTVDKPSSTAY
MQLSSLTSEDSAVYYCARMWYYGTYYFDYWGQGTTLTVSSAA
;
H,J
2 'polypeptide(L)'
;QAVVTQESALTTSPGETVTLTCRSSTGAVTTSNYANWVQEKPRHLFTGLIGGTNNRAPGVPARFSGSLIGNKAALTITGA
QTEDEAIYFCALWYSNHLVFGGGTKLTVLT
;
L,M,N,O
#
loop_
_chem_comp.id
_chem_comp.type
_chem_comp.name
_chem_comp.formula
ANQ non-polymer ACENAPHTHENEQUINONE 'C12 H6 O2'
#
# COMPACT_ATOMS: atom_id res chain seq x y z
N GLU A 1 29.37 23.52 -34.41
CA GLU A 1 28.52 22.74 -35.35
C GLU A 1 27.06 22.79 -34.90
N VAL A 2 26.83 22.55 -33.61
CA VAL A 2 25.49 22.70 -33.04
C VAL A 2 25.12 24.18 -33.00
N GLN A 3 23.90 24.48 -33.45
CA GLN A 3 23.42 25.86 -33.50
C GLN A 3 21.92 25.94 -33.25
N LEU A 4 21.52 26.93 -32.45
CA LEU A 4 20.11 27.21 -32.18
C LEU A 4 19.81 28.65 -32.61
N GLN A 5 19.01 28.79 -33.66
CA GLN A 5 18.67 30.08 -34.26
C GLN A 5 17.26 30.48 -33.91
N GLN A 6 17.12 31.53 -33.11
CA GLN A 6 15.81 32.01 -32.71
C GLN A 6 15.38 33.15 -33.60
N SER A 7 14.07 33.36 -33.71
CA SER A 7 13.52 34.29 -34.70
C SER A 7 13.91 35.73 -34.40
N GLY A 8 13.65 36.62 -35.36
CA GLY A 8 14.05 38.00 -35.24
C GLY A 8 13.17 38.78 -34.27
N ALA A 9 13.62 39.99 -33.91
CA ALA A 9 12.92 40.86 -32.97
C ALA A 9 11.43 41.01 -33.30
N GLU A 10 10.60 41.12 -32.26
CA GLU A 10 9.15 41.11 -32.41
C GLU A 10 8.50 42.29 -31.68
N LEU A 11 7.44 42.79 -32.29
CA LEU A 11 6.78 44.00 -31.84
C LEU A 11 5.28 43.75 -31.94
N VAL A 12 4.66 43.47 -30.82
CA VAL A 12 3.28 43.02 -30.80
C VAL A 12 2.45 43.82 -29.81
N LYS A 13 1.16 43.89 -30.08
CA LYS A 13 0.25 44.72 -29.29
C LYS A 13 -0.25 43.93 -28.08
N PRO A 14 -0.59 44.64 -27.00
CA PRO A 14 -1.20 44.00 -25.83
C PRO A 14 -2.46 43.21 -26.15
N GLY A 15 -2.57 42.01 -25.60
CA GLY A 15 -3.74 41.17 -25.79
C GLY A 15 -3.58 40.16 -26.92
N ALA A 16 -2.62 40.43 -27.80
CA ALA A 16 -2.36 39.58 -28.97
C ALA A 16 -1.51 38.39 -28.58
N SER A 17 -1.21 37.54 -29.55
CA SER A 17 -0.33 36.40 -29.37
C SER A 17 0.90 36.52 -30.26
N VAL A 18 1.91 35.73 -29.92
CA VAL A 18 3.13 35.66 -30.70
C VAL A 18 3.73 34.25 -30.64
N LYS A 19 4.24 33.78 -31.78
CA LYS A 19 4.88 32.48 -31.88
C LYS A 19 6.37 32.65 -32.23
N LEU A 20 7.22 32.32 -31.26
CA LEU A 20 8.66 32.40 -31.42
C LEU A 20 9.21 31.04 -31.81
N SER A 21 10.21 31.04 -32.70
CA SER A 21 10.75 29.80 -33.23
C SER A 21 12.21 29.64 -32.84
N CYS A 22 12.66 28.39 -32.80
CA CYS A 22 14.03 28.03 -32.46
C CYS A 22 14.49 26.88 -33.36
N LYS A 23 15.14 27.23 -34.47
CA LYS A 23 15.66 26.23 -35.41
C LYS A 23 16.94 25.58 -34.90
N ALA A 24 16.88 24.28 -34.69
CA ALA A 24 18.03 23.50 -34.25
C ALA A 24 18.69 22.83 -35.45
N SER A 25 20.00 22.62 -35.35
CA SER A 25 20.79 22.00 -36.43
C SER A 25 22.16 21.53 -35.93
N GLY A 26 22.77 20.60 -36.66
CA GLY A 26 24.07 20.03 -36.30
C GLY A 26 23.98 18.94 -35.27
N TYR A 27 22.80 18.35 -35.15
CA TYR A 27 22.56 17.24 -34.21
C TYR A 27 21.17 16.64 -34.41
N THR A 28 20.94 15.50 -33.76
CA THR A 28 19.64 14.84 -33.85
C THR A 28 18.64 15.53 -32.91
N PHE A 29 17.78 16.34 -33.52
CA PHE A 29 16.73 17.10 -32.82
C PHE A 29 15.97 16.35 -31.73
N THR A 30 15.55 15.12 -32.03
CA THR A 30 14.74 14.34 -31.10
C THR A 30 15.51 13.76 -29.92
N SER A 31 16.83 13.90 -29.92
CA SER A 31 17.69 13.29 -28.89
C SER A 31 17.89 14.18 -27.66
N TYR A 32 17.47 15.45 -27.74
CA TYR A 32 17.71 16.42 -26.67
C TYR A 32 16.45 17.22 -26.36
N TRP A 33 16.20 17.44 -25.08
CA TRP A 33 15.15 18.35 -24.64
C TRP A 33 15.45 19.79 -25.05
N MET A 34 14.39 20.57 -25.23
CA MET A 34 14.53 22.00 -25.51
C MET A 34 13.80 22.80 -24.45
N HIS A 35 14.54 23.72 -23.82
CA HIS A 35 13.96 24.59 -22.82
C HIS A 35 13.71 25.98 -23.40
N TRP A 36 12.85 26.74 -22.72
CA TRP A 36 12.67 28.14 -23.02
C TRP A 36 12.84 28.92 -21.73
N VAL A 37 13.58 30.01 -21.81
CA VAL A 37 13.95 30.80 -20.65
C VAL A 37 13.64 32.26 -20.96
N LYS A 38 13.28 33.01 -19.93
CA LYS A 38 12.90 34.41 -20.08
C LYS A 38 13.89 35.30 -19.32
N GLN A 39 14.42 36.31 -20.01
CA GLN A 39 15.33 37.26 -19.40
C GLN A 39 14.74 38.66 -19.44
N ARG A 40 14.49 39.22 -18.26
CA ARG A 40 14.11 40.61 -18.13
C ARG A 40 15.18 41.36 -17.36
N PRO A 41 15.40 42.64 -17.69
CA PRO A 41 16.33 43.47 -16.93
C PRO A 41 16.06 43.46 -15.43
N GLY A 42 17.08 43.15 -14.63
CA GLY A 42 16.95 43.13 -13.18
C GLY A 42 16.24 41.92 -12.58
N ARG A 43 15.67 41.06 -13.42
CA ARG A 43 14.95 39.88 -12.97
C ARG A 43 15.66 38.58 -13.33
N GLY A 44 16.94 38.66 -13.70
CA GLY A 44 17.75 37.49 -13.96
C GLY A 44 17.21 36.62 -15.07
N LEU A 45 17.19 35.30 -14.82
CA LEU A 45 16.55 34.36 -15.73
C LEU A 45 15.31 33.75 -15.06
N GLU A 46 14.33 33.38 -15.88
CA GLU A 46 13.10 32.74 -15.41
C GLU A 46 12.77 31.55 -16.31
N TRP A 47 12.69 30.37 -15.70
CA TRP A 47 12.31 29.16 -16.42
C TRP A 47 10.86 29.25 -16.88
N ILE A 48 10.63 29.00 -18.16
CA ILE A 48 9.27 28.94 -18.69
C ILE A 48 8.81 27.49 -18.75
N GLY A 49 9.62 26.64 -19.37
CA GLY A 49 9.30 25.22 -19.47
C GLY A 49 10.25 24.44 -20.35
N ARG A 50 10.01 23.13 -20.49
CA ARG A 50 10.72 22.32 -21.46
C ARG A 50 9.81 21.42 -22.26
N ILE A 51 10.27 21.09 -23.46
CA ILE A 51 9.62 20.11 -24.30
C ILE A 51 10.59 18.97 -24.62
N ASP A 52 10.03 17.80 -24.95
CA ASP A 52 10.78 16.64 -25.39
C ASP A 52 10.35 16.48 -26.83
N PRO A 53 11.24 16.75 -27.79
CA PRO A 53 10.86 16.71 -29.22
C PRO A 53 10.43 15.32 -29.66
N ASN A 54 10.71 14.32 -28.84
CA ASN A 54 10.24 12.96 -29.07
C ASN A 54 8.98 12.70 -28.24
N GLY A 55 7.83 12.97 -28.84
CA GLY A 55 6.55 12.81 -28.18
C GLY A 55 5.91 14.14 -27.79
N GLY A 56 6.64 15.22 -27.98
CA GLY A 56 6.18 16.56 -27.65
C GLY A 56 5.85 16.83 -26.19
N GLY A 57 6.28 15.94 -25.29
CA GLY A 57 5.89 16.05 -23.89
C GLY A 57 6.46 17.31 -23.24
N THR A 58 5.68 17.93 -22.36
CA THR A 58 6.07 19.23 -21.78
C THR A 58 6.07 19.23 -20.26
N LYS A 59 6.76 20.22 -19.70
CA LYS A 59 6.78 20.49 -18.27
C LYS A 59 6.89 22.00 -18.10
N TYR A 60 6.01 22.61 -17.32
CA TYR A 60 5.97 24.07 -17.22
C TYR A 60 6.19 24.58 -15.80
N ASN A 61 6.84 25.74 -15.71
CA ASN A 61 6.75 26.60 -14.55
C ASN A 61 5.28 26.95 -14.37
N LEU A 62 4.77 26.76 -13.16
CA LEU A 62 3.34 27.01 -12.85
C LEU A 62 2.90 28.43 -13.23
N LYS A 63 3.77 29.39 -12.98
CA LYS A 63 3.51 30.79 -13.32
C LYS A 63 3.34 31.04 -14.83
N PHE A 64 3.82 30.14 -15.68
CA PHE A 64 3.70 30.29 -17.14
C PHE A 64 2.80 29.25 -17.81
N LYS A 65 1.97 28.53 -17.06
CA LYS A 65 1.12 27.51 -17.68
C LYS A 65 -0.04 28.12 -18.46
N SER A 66 -0.58 29.25 -17.99
CA SER A 66 -1.61 29.95 -18.75
C SER A 66 -1.05 30.88 -19.83
N LYS A 67 0.27 30.96 -19.93
CA LYS A 67 0.94 31.92 -20.80
C LYS A 67 1.67 31.28 -21.99
N ALA A 68 2.35 30.16 -21.76
CA ALA A 68 3.24 29.57 -22.77
C ALA A 68 2.75 28.23 -23.30
N THR A 69 2.99 28.01 -24.60
CA THR A 69 2.62 26.78 -25.29
C THR A 69 3.82 26.31 -26.10
N LEU A 70 4.42 25.19 -25.68
CA LEU A 70 5.59 24.63 -26.35
C LEU A 70 5.19 23.51 -27.31
N THR A 71 5.68 23.59 -28.54
CA THR A 71 5.53 22.52 -29.52
C THR A 71 6.80 22.37 -30.35
N VAL A 72 6.87 21.29 -31.12
CA VAL A 72 7.98 21.10 -32.05
C VAL A 72 7.51 20.63 -33.40
N ASP A 73 8.33 20.87 -34.41
CA ASP A 73 8.13 20.33 -35.74
C ASP A 73 9.38 19.51 -36.03
N LYS A 74 9.24 18.18 -36.00
CA LYS A 74 10.35 17.28 -36.23
C LYS A 74 10.99 17.42 -37.62
N PRO A 75 10.17 17.50 -38.67
CA PRO A 75 10.71 17.63 -40.04
C PRO A 75 11.63 18.84 -40.23
N SER A 76 11.26 19.98 -39.65
CA SER A 76 12.05 21.20 -39.75
C SER A 76 12.97 21.42 -38.55
N SER A 77 13.04 20.44 -37.65
CA SER A 77 13.87 20.52 -36.45
C SER A 77 13.68 21.80 -35.62
N THR A 78 12.45 22.34 -35.61
CA THR A 78 12.17 23.64 -35.00
C THR A 78 11.24 23.52 -33.78
N ALA A 79 11.69 24.05 -32.65
CA ALA A 79 10.84 24.18 -31.46
C ALA A 79 10.18 25.55 -31.46
N TYR A 80 8.92 25.61 -31.04
CA TYR A 80 8.16 26.86 -30.98
C TYR A 80 7.68 27.14 -29.56
N MET A 81 7.58 28.41 -29.22
CA MET A 81 6.91 28.84 -28.00
C MET A 81 5.93 29.95 -28.35
N GLN A 82 4.65 29.68 -28.16
CA GLN A 82 3.63 30.70 -28.31
C GLN A 82 3.43 31.35 -26.96
N LEU A 83 3.37 32.67 -26.93
CA LEU A 83 2.93 33.43 -25.77
C LEU A 83 1.61 34.08 -26.12
N SER A 84 0.70 34.13 -25.16
CA SER A 84 -0.64 34.66 -25.42
C SER A 84 -1.09 35.66 -24.36
N SER A 85 -2.15 36.40 -24.68
CA SER A 85 -2.73 37.37 -23.76
C SER A 85 -1.66 38.33 -23.29
N LEU A 86 -0.91 38.85 -24.25
CA LEU A 86 0.34 39.54 -23.96
C LEU A 86 0.13 40.81 -23.17
N THR A 87 1.03 41.08 -22.24
CA THR A 87 1.07 42.35 -21.52
C THR A 87 2.51 42.87 -21.49
N SER A 88 2.73 43.98 -20.81
CA SER A 88 4.06 44.53 -20.66
C SER A 88 5.00 43.62 -19.87
N GLU A 89 4.44 42.80 -18.98
CA GLU A 89 5.22 41.82 -18.20
C GLU A 89 5.88 40.74 -19.07
N ASP A 90 5.39 40.59 -20.29
CA ASP A 90 5.92 39.61 -21.24
C ASP A 90 7.08 40.15 -22.06
N SER A 91 7.25 41.47 -22.07
CA SER A 91 8.38 42.10 -22.77
C SER A 91 9.69 41.63 -22.15
N ALA A 92 10.48 40.92 -22.95
CA ALA A 92 11.73 40.33 -22.49
C ALA A 92 12.51 39.75 -23.65
N VAL A 93 13.70 39.23 -23.36
CA VAL A 93 14.43 38.42 -24.33
C VAL A 93 14.20 36.98 -23.95
N TYR A 94 13.76 36.16 -24.91
CA TYR A 94 13.48 34.76 -24.69
C TYR A 94 14.53 33.87 -25.38
N TYR A 95 15.04 32.89 -24.65
CA TYR A 95 16.04 31.96 -25.16
C TYR A 95 15.53 30.54 -25.18
N CYS A 96 15.90 29.80 -26.22
CA CYS A 96 15.80 28.35 -26.21
C CYS A 96 17.17 27.80 -25.82
N ALA A 97 17.19 26.68 -25.10
CA ALA A 97 18.43 26.08 -24.64
C ALA A 97 18.26 24.57 -24.53
N ARG A 98 19.10 23.81 -25.20
CA ARG A 98 18.92 22.36 -25.21
C ARG A 98 19.58 21.69 -24.01
N MET A 99 19.07 20.52 -23.65
CA MET A 99 19.53 19.76 -22.49
C MET A 99 19.74 18.28 -22.77
N TRP A 100 20.78 17.73 -22.15
CA TRP A 100 21.05 16.31 -22.15
C TRP A 100 20.47 15.76 -20.85
N TYR A 101 19.82 14.59 -20.92
CA TYR A 101 19.10 14.09 -19.76
C TYR A 101 19.39 12.62 -19.34
N TYR A 102 20.33 11.94 -20.00
CA TYR A 102 20.83 10.63 -19.53
C TYR A 102 21.67 10.71 -18.26
N GLY A 103 21.20 10.15 -17.16
CA GLY A 103 22.02 10.02 -15.96
C GLY A 103 22.37 11.33 -15.28
N THR A 104 21.98 12.43 -15.89
CA THR A 104 22.26 13.77 -15.40
C THR A 104 21.50 14.75 -16.28
N TYR A 105 21.30 15.97 -15.79
CA TYR A 105 20.62 16.99 -16.57
C TYR A 105 21.45 18.26 -16.61
N TYR A 106 21.95 18.59 -17.80
CA TYR A 106 22.71 19.82 -18.01
C TYR A 106 22.28 20.52 -19.29
N PHE A 107 22.29 21.85 -19.28
CA PHE A 107 22.17 22.63 -20.51
C PHE A 107 23.53 22.61 -21.18
N ASP A 108 23.56 22.82 -22.50
CA ASP A 108 24.81 23.17 -23.17
C ASP A 108 24.60 24.36 -24.13
N TYR A 109 24.08 24.13 -25.32
CA TYR A 109 23.96 25.19 -26.31
C TYR A 109 22.73 26.05 -26.04
N TRP A 110 22.91 27.35 -26.14
CA TRP A 110 21.81 28.31 -26.01
C TRP A 110 21.72 29.06 -27.31
N GLY A 111 20.51 29.47 -27.66
CA GLY A 111 20.30 30.30 -28.82
C GLY A 111 20.69 31.74 -28.50
N GLN A 112 20.75 32.56 -29.54
CA GLN A 112 21.16 33.96 -29.40
C GLN A 112 20.14 34.80 -28.65
N GLY A 113 18.87 34.43 -28.75
CA GLY A 113 17.78 35.13 -28.07
C GLY A 113 16.90 35.90 -29.05
N THR A 114 15.66 36.12 -28.64
CA THR A 114 14.70 36.92 -29.40
C THR A 114 14.07 37.93 -28.47
N THR A 115 14.02 39.18 -28.90
CA THR A 115 13.43 40.23 -28.09
C THR A 115 11.96 40.43 -28.45
N LEU A 116 11.12 40.47 -27.42
CA LEU A 116 9.70 40.81 -27.56
C LEU A 116 9.43 42.12 -26.82
N THR A 117 8.76 43.04 -27.49
CA THR A 117 8.28 44.28 -26.86
C THR A 117 6.77 44.32 -27.04
N VAL A 118 6.05 44.34 -25.93
CA VAL A 118 4.60 44.44 -25.97
C VAL A 118 4.26 45.93 -25.90
N SER A 119 3.77 46.45 -27.02
CA SER A 119 3.64 47.89 -27.22
C SER A 119 2.30 48.24 -27.87
N SER A 120 1.60 49.21 -27.29
CA SER A 120 0.32 49.66 -27.83
C SER A 120 0.52 50.43 -29.13
N ALA A 121 -0.45 50.34 -30.04
CA ALA A 121 -0.46 51.18 -31.24
C ALA A 121 -1.10 52.52 -30.87
N ALA A 122 -0.28 53.56 -30.82
CA ALA A 122 -0.66 54.91 -30.35
C ALA A 122 -1.97 55.43 -30.95
N GLU B 1 -33.47 -22.67 31.12
CA GLU B 1 -34.29 -21.49 30.74
C GLU B 1 -34.14 -21.19 29.24
N VAL B 2 -32.91 -21.20 28.75
CA VAL B 2 -32.66 -21.07 27.33
C VAL B 2 -33.13 -22.34 26.63
N GLN B 3 -33.89 -22.17 25.55
CA GLN B 3 -34.43 -23.30 24.79
C GLN B 3 -34.50 -23.00 23.31
N LEU B 4 -34.12 -23.99 22.50
CA LEU B 4 -34.21 -23.91 21.04
C LEU B 4 -35.08 -25.06 20.55
N GLN B 5 -36.25 -24.72 20.02
CA GLN B 5 -37.25 -25.69 19.59
C GLN B 5 -37.31 -25.74 18.07
N GLN B 6 -36.88 -26.85 17.50
CA GLN B 6 -36.89 -27.02 16.05
C GLN B 6 -38.14 -27.75 15.63
N SER B 7 -38.55 -27.55 14.38
CA SER B 7 -39.84 -28.03 13.91
C SER B 7 -39.90 -29.55 13.86
N GLY B 8 -41.11 -30.09 13.69
CA GLY B 8 -41.31 -31.53 13.70
C GLY B 8 -40.79 -32.21 12.44
N ALA B 9 -40.72 -33.54 12.50
CA ALA B 9 -40.22 -34.36 11.40
C ALA B 9 -40.85 -34.01 10.06
N GLU B 10 -40.06 -34.09 8.99
CA GLU B 10 -40.48 -33.64 7.66
C GLU B 10 -40.25 -34.71 6.59
N LEU B 11 -41.17 -34.74 5.64
CA LEU B 11 -41.22 -35.78 4.63
C LEU B 11 -41.54 -35.09 3.32
N VAL B 12 -40.53 -34.90 2.50
CA VAL B 12 -40.65 -34.08 1.29
C VAL B 12 -40.10 -34.81 0.08
N LYS B 13 -40.61 -34.44 -1.08
CA LYS B 13 -40.28 -35.13 -2.31
C LYS B 13 -39.02 -34.53 -2.92
N PRO B 14 -38.27 -35.33 -3.68
CA PRO B 14 -37.10 -34.83 -4.41
C PRO B 14 -37.44 -33.66 -5.34
N GLY B 15 -36.59 -32.63 -5.31
CA GLY B 15 -36.75 -31.47 -6.16
C GLY B 15 -37.50 -30.32 -5.50
N ALA B 16 -38.21 -30.64 -4.43
CA ALA B 16 -39.02 -29.67 -3.69
C ALA B 16 -38.15 -28.89 -2.72
N SER B 17 -38.78 -27.97 -2.00
CA SER B 17 -38.10 -27.21 -0.95
C SER B 17 -38.74 -27.49 0.41
N VAL B 18 -38.00 -27.11 1.45
CA VAL B 18 -38.49 -27.23 2.81
C VAL B 18 -37.90 -26.10 3.69
N LYS B 19 -38.74 -25.56 4.57
CA LYS B 19 -38.34 -24.49 5.49
C LYS B 19 -38.43 -24.99 6.93
N LEU B 20 -37.27 -25.15 7.56
CA LEU B 20 -37.16 -25.61 8.93
C LEU B 20 -37.04 -24.41 9.85
N SER B 21 -37.67 -24.50 11.02
CA SER B 21 -37.71 -23.37 11.95
C SER B 21 -37.02 -23.74 13.25
N CYS B 22 -36.54 -22.71 13.94
CA CYS B 22 -35.86 -22.85 15.23
C CYS B 22 -36.31 -21.72 16.14
N LYS B 23 -37.32 -21.98 16.97
CA LYS B 23 -37.81 -20.99 17.93
C LYS B 23 -36.90 -20.88 19.15
N ALA B 24 -36.34 -19.68 19.34
CA ALA B 24 -35.49 -19.39 20.48
C ALA B 24 -36.30 -18.69 21.57
N SER B 25 -35.90 -18.89 22.82
CA SER B 25 -36.58 -18.29 23.98
C SER B 25 -35.71 -18.36 25.23
N GLY B 26 -36.02 -17.51 26.21
CA GLY B 26 -35.27 -17.44 27.46
C GLY B 26 -34.00 -16.62 27.35
N TYR B 27 -33.94 -15.75 26.35
CA TYR B 27 -32.79 -14.88 26.14
C TYR B 27 -33.08 -13.85 25.04
N THR B 28 -32.19 -12.89 24.90
CA THR B 28 -32.33 -11.88 23.85
C THR B 28 -31.84 -12.44 22.52
N PHE B 29 -32.81 -12.80 21.67
CA PHE B 29 -32.58 -13.37 20.33
C PHE B 29 -31.48 -12.69 19.51
N THR B 30 -31.50 -11.36 19.47
CA THR B 30 -30.54 -10.61 18.65
C THR B 30 -29.12 -10.55 19.20
N SER B 31 -28.91 -11.08 20.41
CA SER B 31 -27.61 -10.99 21.08
C SER B 31 -26.67 -12.15 20.75
N TYR B 32 -27.18 -13.18 20.09
CA TYR B 32 -26.40 -14.39 19.81
C TYR B 32 -26.57 -14.84 18.37
N TRP B 33 -25.47 -15.30 17.77
CA TRP B 33 -25.51 -15.96 16.46
C TRP B 33 -26.28 -17.27 16.52
N MET B 34 -26.87 -17.65 15.39
CA MET B 34 -27.51 -18.94 15.26
C MET B 34 -26.85 -19.72 14.13
N HIS B 35 -26.40 -20.93 14.44
CA HIS B 35 -25.83 -21.83 13.46
C HIS B 35 -26.83 -22.90 13.04
N TRP B 36 -26.57 -23.50 11.89
CA TRP B 36 -27.28 -24.68 11.48
C TRP B 36 -26.26 -25.75 11.12
N VAL B 37 -26.52 -26.96 11.58
CA VAL B 37 -25.58 -28.06 11.45
C VAL B 37 -26.34 -29.26 10.91
N LYS B 38 -25.65 -30.09 10.14
CA LYS B 38 -26.27 -31.25 9.50
C LYS B 38 -25.63 -32.53 10.03
N GLN B 39 -26.47 -33.46 10.47
CA GLN B 39 -25.99 -34.75 10.94
C GLN B 39 -26.53 -35.89 10.08
N ARG B 40 -25.63 -36.59 9.41
CA ARG B 40 -25.98 -37.81 8.71
C ARG B 40 -25.25 -38.97 9.35
N PRO B 41 -25.89 -40.15 9.35
CA PRO B 41 -25.24 -41.37 9.83
C PRO B 41 -23.87 -41.61 9.19
N GLY B 42 -22.84 -41.81 10.01
CA GLY B 42 -21.50 -42.06 9.52
C GLY B 42 -20.72 -40.88 8.98
N ARG B 43 -21.37 -39.72 8.84
CA ARG B 43 -20.75 -38.51 8.31
C ARG B 43 -20.59 -37.42 9.37
N GLY B 44 -20.73 -37.79 10.65
CA GLY B 44 -20.48 -36.88 11.75
C GLY B 44 -21.36 -35.65 11.74
N LEU B 45 -20.76 -34.48 11.95
CA LEU B 45 -21.46 -33.20 11.80
C LEU B 45 -20.90 -32.43 10.61
N GLU B 46 -21.75 -31.63 9.98
CA GLU B 46 -21.38 -30.79 8.85
C GLU B 46 -21.94 -29.38 9.05
N TRP B 47 -21.04 -28.39 9.10
CA TRP B 47 -21.45 -27.00 9.19
C TRP B 47 -22.18 -26.57 7.93
N ILE B 48 -23.37 -25.97 8.10
CA ILE B 48 -24.11 -25.41 6.98
C ILE B 48 -23.86 -23.92 6.89
N GLY B 49 -24.04 -23.22 8.00
CA GLY B 49 -23.79 -21.79 8.05
C GLY B 49 -24.20 -21.13 9.35
N ARG B 50 -23.99 -19.81 9.45
CA ARG B 50 -24.53 -19.05 10.56
C ARG B 50 -25.20 -17.77 10.12
N ILE B 51 -26.15 -17.32 10.93
CA ILE B 51 -26.78 -16.03 10.76
C ILE B 51 -26.58 -15.17 12.03
N ASP B 52 -26.66 -13.85 11.85
CA ASP B 52 -26.60 -12.89 12.94
C ASP B 52 -28.00 -12.30 12.94
N PRO B 53 -28.80 -12.59 13.96
CA PRO B 53 -30.20 -12.13 13.98
C PRO B 53 -30.32 -10.61 14.01
N ASN B 54 -29.20 -9.93 14.30
CA ASN B 54 -29.12 -8.49 14.23
C ASN B 54 -28.51 -8.07 12.89
N GLY B 55 -29.37 -7.85 11.90
CA GLY B 55 -28.95 -7.48 10.55
C GLY B 55 -29.08 -8.62 9.56
N GLY B 56 -29.42 -9.81 10.05
CA GLY B 56 -29.58 -10.99 9.22
C GLY B 56 -28.35 -11.47 8.47
N GLY B 57 -27.17 -10.97 8.84
CA GLY B 57 -25.96 -11.28 8.09
C GLY B 57 -25.58 -12.75 8.18
N THR B 58 -25.11 -13.31 7.07
CA THR B 58 -24.85 -14.75 7.00
C THR B 58 -23.42 -15.09 6.60
N LYS B 59 -23.05 -16.34 6.88
CA LYS B 59 -21.78 -16.92 6.45
C LYS B 59 -22.04 -18.39 6.17
N TYR B 60 -21.65 -18.89 5.00
CA TYR B 60 -21.97 -20.26 4.61
C TYR B 60 -20.75 -21.11 4.33
N ASN B 61 -20.87 -22.39 4.64
CA ASN B 61 -20.04 -23.44 4.06
C ASN B 61 -20.25 -23.39 2.55
N LEU B 62 -19.15 -23.32 1.79
CA LEU B 62 -19.20 -23.22 0.32
C LEU B 62 -20.05 -24.32 -0.33
N LYS B 63 -19.92 -25.53 0.21
CA LYS B 63 -20.68 -26.68 -0.25
C LYS B 63 -22.22 -26.53 -0.08
N PHE B 64 -22.66 -25.64 0.81
CA PHE B 64 -24.09 -25.41 1.03
C PHE B 64 -24.60 -24.04 0.60
N LYS B 65 -23.86 -23.29 -0.21
CA LYS B 65 -24.31 -21.96 -0.62
C LYS B 65 -25.43 -22.03 -1.64
N SER B 66 -25.41 -23.03 -2.53
CA SER B 66 -26.52 -23.21 -3.46
C SER B 66 -27.70 -24.00 -2.86
N LYS B 67 -27.56 -24.43 -1.61
CA LYS B 67 -28.53 -25.32 -0.97
C LYS B 67 -29.32 -24.66 0.18
N ALA B 68 -28.66 -23.86 1.00
CA ALA B 68 -29.27 -23.35 2.23
C ALA B 68 -29.47 -21.84 2.23
N THR B 69 -30.59 -21.42 2.84
CA THR B 69 -30.96 -20.01 2.94
C THR B 69 -31.35 -19.74 4.39
N LEU B 70 -30.52 -18.98 5.10
CA LEU B 70 -30.78 -18.64 6.50
C LEU B 70 -31.44 -17.26 6.62
N THR B 71 -32.52 -17.20 7.38
CA THR B 71 -33.16 -15.95 7.74
C THR B 71 -33.66 -15.98 9.18
N VAL B 72 -34.04 -14.82 9.70
CA VAL B 72 -34.66 -14.75 11.03
C VAL B 72 -35.90 -13.87 11.02
N ASP B 73 -36.75 -14.10 12.01
CA ASP B 73 -37.89 -13.25 12.30
C ASP B 73 -37.68 -12.78 13.73
N LYS B 74 -37.29 -11.52 13.89
CA LYS B 74 -37.04 -10.94 15.21
C LYS B 74 -38.27 -10.95 16.12
N PRO B 75 -39.44 -10.55 15.62
CA PRO B 75 -40.65 -10.52 16.45
C PRO B 75 -40.99 -11.86 17.09
N SER B 76 -40.85 -12.95 16.33
CA SER B 76 -41.14 -14.30 16.83
C SER B 76 -39.90 -15.04 17.33
N SER B 77 -38.77 -14.33 17.38
CA SER B 77 -37.49 -14.92 17.83
C SER B 77 -37.12 -16.24 17.13
N THR B 78 -37.50 -16.38 15.86
CA THR B 78 -37.35 -17.65 15.14
C THR B 78 -36.36 -17.55 13.98
N ALA B 79 -35.36 -18.43 13.98
CA ALA B 79 -34.45 -18.57 12.85
C ALA B 79 -34.95 -19.67 11.92
N TYR B 80 -34.82 -19.45 10.61
CA TYR B 80 -35.27 -20.40 9.60
C TYR B 80 -34.10 -20.84 8.72
N MET B 81 -34.16 -22.08 8.24
CA MET B 81 -33.27 -22.55 7.20
C MET B 81 -34.10 -23.23 6.13
N GLN B 82 -34.09 -22.64 4.93
CA GLN B 82 -34.74 -23.27 3.79
C GLN B 82 -33.68 -24.13 3.11
N LEU B 83 -34.05 -25.34 2.74
CA LEU B 83 -33.25 -26.18 1.85
C LEU B 83 -34.02 -26.33 0.54
N SER B 84 -33.30 -26.33 -0.57
CA SER B 84 -33.95 -26.38 -1.88
C SER B 84 -33.33 -27.42 -2.80
N SER B 85 -34.04 -27.74 -3.88
CA SER B 85 -33.56 -28.67 -4.88
C SER B 85 -33.18 -29.98 -4.20
N LEU B 86 -34.09 -30.47 -3.37
CA LEU B 86 -33.78 -31.53 -2.44
C LEU B 86 -33.46 -32.84 -3.14
N THR B 87 -32.48 -33.56 -2.60
CA THR B 87 -32.17 -34.91 -3.04
C THR B 87 -32.00 -35.81 -1.81
N SER B 88 -31.64 -37.06 -2.04
CA SER B 88 -31.40 -37.99 -0.95
C SER B 88 -30.23 -37.59 -0.06
N GLU B 89 -29.26 -36.86 -0.63
CA GLU B 89 -28.09 -36.36 0.12
C GLU B 89 -28.48 -35.35 1.22
N ASP B 90 -29.68 -34.79 1.10
CA ASP B 90 -30.20 -33.82 2.06
C ASP B 90 -30.91 -34.47 3.24
N SER B 91 -31.24 -35.75 3.11
CA SER B 91 -31.85 -36.50 4.21
C SER B 91 -30.90 -36.57 5.39
N ALA B 92 -31.29 -35.98 6.50
CA ALA B 92 -30.44 -35.88 7.67
C ALA B 92 -31.22 -35.29 8.84
N VAL B 93 -30.58 -35.23 10.01
CA VAL B 93 -31.11 -34.46 11.12
C VAL B 93 -30.39 -33.13 11.15
N TYR B 94 -31.15 -32.04 11.17
CA TYR B 94 -30.60 -30.69 11.18
C TYR B 94 -30.79 -30.03 12.53
N TYR B 95 -29.72 -29.41 13.04
CA TYR B 95 -29.73 -28.72 14.32
C TYR B 95 -29.46 -27.24 14.17
N CYS B 96 -30.15 -26.43 14.96
CA CYS B 96 -29.74 -25.05 15.18
C CYS B 96 -28.97 -25.02 16.50
N ALA B 97 -27.97 -24.15 16.58
CA ALA B 97 -27.11 -24.05 17.77
C ALA B 97 -26.62 -22.62 17.92
N ARG B 98 -26.88 -22.00 19.06
CA ARG B 98 -26.49 -20.60 19.21
C ARG B 98 -25.06 -20.45 19.68
N MET B 99 -24.48 -19.29 19.38
CA MET B 99 -23.08 -19.00 19.70
C MET B 99 -22.88 -17.59 20.28
N TRP B 100 -21.95 -17.51 21.22
CA TRP B 100 -21.49 -16.27 21.81
C TRP B 100 -20.24 -15.88 21.04
N TYR B 101 -20.09 -14.60 20.71
CA TYR B 101 -18.98 -14.17 19.84
C TYR B 101 -18.12 -12.98 20.33
N TYR B 102 -18.36 -12.48 21.55
CA TYR B 102 -17.46 -11.50 22.20
C TYR B 102 -16.13 -12.10 22.64
N GLY B 103 -15.02 -11.69 22.03
CA GLY B 103 -13.71 -12.08 22.53
C GLY B 103 -13.36 -13.54 22.38
N THR B 104 -14.33 -14.32 21.92
CA THR B 104 -14.19 -15.76 21.75
C THR B 104 -15.45 -16.26 21.05
N TYR B 105 -15.37 -17.44 20.45
CA TYR B 105 -16.52 -18.02 19.78
C TYR B 105 -16.77 -19.43 20.29
N TYR B 106 -17.89 -19.63 20.99
CA TYR B 106 -18.28 -20.95 21.47
C TYR B 106 -19.77 -21.20 21.26
N PHE B 107 -20.13 -22.44 20.95
CA PHE B 107 -21.53 -22.85 20.99
C PHE B 107 -21.90 -23.08 22.44
N ASP B 108 -23.19 -22.97 22.76
CA ASP B 108 -23.69 -23.51 24.02
C ASP B 108 -24.95 -24.34 23.82
N TYR B 109 -26.11 -23.70 23.69
CA TYR B 109 -27.36 -24.45 23.60
C TYR B 109 -27.58 -24.95 22.17
N TRP B 110 -28.04 -26.19 22.07
CA TRP B 110 -28.38 -26.79 20.80
C TRP B 110 -29.84 -27.18 20.87
N GLY B 111 -30.52 -27.13 19.73
CA GLY B 111 -31.89 -27.59 19.65
C GLY B 111 -31.92 -29.11 19.61
N GLN B 112 -33.11 -29.66 19.75
CA GLN B 112 -33.30 -31.11 19.78
C GLN B 112 -33.04 -31.77 18.43
N GLY B 113 -33.27 -31.03 17.35
CA GLY B 113 -33.05 -31.53 16.00
C GLY B 113 -34.35 -31.77 15.24
N THR B 114 -34.27 -31.71 13.92
CA THR B 114 -35.40 -32.00 13.04
C THR B 114 -34.94 -32.97 11.98
N THR B 115 -35.70 -34.03 11.75
CA THR B 115 -35.35 -35.03 10.75
C THR B 115 -36.04 -34.69 9.44
N LEU B 116 -35.26 -34.68 8.36
CA LEU B 116 -35.79 -34.55 7.01
C LEU B 116 -35.51 -35.85 6.29
N THR B 117 -36.53 -36.39 5.63
CA THR B 117 -36.41 -37.54 4.77
C THR B 117 -36.90 -37.11 3.39
N VAL B 118 -36.01 -37.17 2.41
CA VAL B 118 -36.34 -36.85 1.03
C VAL B 118 -36.77 -38.15 0.37
N SER B 119 -38.08 -38.26 0.10
CA SER B 119 -38.69 -39.51 -0.32
C SER B 119 -39.61 -39.31 -1.52
N SER B 120 -39.48 -40.16 -2.53
CA SER B 120 -40.35 -40.11 -3.70
C SER B 120 -41.76 -40.61 -3.36
N ALA B 121 -42.77 -39.99 -3.97
CA ALA B 121 -44.14 -40.49 -3.86
C ALA B 121 -44.31 -41.62 -4.86
N ALA B 122 -44.13 -42.86 -4.38
CA ALA B 122 -44.18 -44.09 -5.18
C ALA B 122 -45.21 -44.05 -6.32
N ALA C 2 9.61 28.06 -3.76
CA ALA C 2 11.07 27.77 -3.59
C ALA C 2 11.91 28.85 -4.27
N VAL C 3 12.88 29.40 -3.55
CA VAL C 3 13.69 30.52 -4.01
C VAL C 3 15.17 30.14 -3.95
N VAL C 4 15.89 30.42 -5.03
CA VAL C 4 17.30 30.09 -5.13
C VAL C 4 18.15 31.36 -5.01
N THR C 5 19.07 31.38 -4.04
CA THR C 5 19.91 32.54 -3.77
C THR C 5 21.39 32.28 -4.11
N GLN C 6 22.01 33.27 -4.76
CA GLN C 6 23.44 33.26 -5.04
C GLN C 6 24.10 34.50 -4.46
N GLU C 7 25.43 34.52 -4.46
CA GLU C 7 26.16 35.74 -4.14
C GLU C 7 25.84 36.74 -5.23
N SER C 8 25.65 37.99 -4.85
CA SER C 8 25.30 39.02 -5.80
C SER C 8 26.46 39.26 -6.76
N ALA C 9 27.66 39.39 -6.22
CA ALA C 9 28.85 39.67 -7.01
C ALA C 9 30.12 39.25 -6.26
N LEU C 10 31.08 38.66 -6.97
CA LEU C 10 32.34 38.22 -6.36
C LEU C 10 33.54 38.67 -7.17
N THR C 11 34.62 38.98 -6.46
CA THR C 11 35.88 39.37 -7.08
C THR C 11 36.95 38.31 -6.85
N THR C 12 37.75 38.09 -7.88
CA THR C 12 38.91 37.24 -7.81
C THR C 12 40.03 37.83 -8.66
N SER C 13 41.22 37.26 -8.55
CA SER C 13 42.32 37.62 -9.43
C SER C 13 42.56 36.46 -10.38
N PRO C 14 43.27 36.71 -11.47
CA PRO C 14 43.63 35.64 -12.41
C PRO C 14 44.51 34.61 -11.73
N GLY C 15 44.26 33.32 -11.97
CA GLY C 15 45.03 32.24 -11.38
C GLY C 15 44.51 31.75 -10.04
N GLU C 16 43.68 32.55 -9.37
CA GLU C 16 43.18 32.18 -8.05
C GLU C 16 41.99 31.22 -8.17
N THR C 17 41.58 30.65 -7.05
CA THR C 17 40.42 29.77 -7.01
C THR C 17 39.26 30.50 -6.36
N VAL C 18 38.09 30.41 -6.97
CA VAL C 18 36.90 31.10 -6.49
C VAL C 18 35.67 30.20 -6.55
N THR C 19 34.89 30.21 -5.47
CA THR C 19 33.74 29.34 -5.32
C THR C 19 32.46 30.16 -5.25
N LEU C 20 31.54 29.87 -6.17
CA LEU C 20 30.21 30.45 -6.18
C LEU C 20 29.27 29.45 -5.52
N THR C 21 28.25 29.94 -4.82
CA THR C 21 27.30 29.05 -4.16
C THR C 21 25.84 29.31 -4.56
N CYS C 22 25.04 28.28 -4.35
CA CYS C 22 23.65 28.21 -4.78
C CYS C 22 22.88 27.64 -3.60
N ARG C 23 21.99 28.45 -3.02
CA ARG C 23 21.28 28.08 -1.81
C ARG C 23 19.80 27.88 -2.10
N SER C 24 19.20 26.88 -1.48
CA SER C 24 17.77 26.63 -1.59
C SER C 24 17.03 27.13 -0.34
N SER C 25 15.85 27.69 -0.55
CA SER C 25 15.03 28.19 0.56
C SER C 25 14.41 27.04 1.36
N THR C 26 14.08 25.95 0.66
CA THR C 26 13.38 24.82 1.26
C THR C 26 14.28 23.96 2.16
N GLY C 27 15.58 24.22 2.12
CA GLY C 27 16.56 23.49 2.93
C GLY C 27 17.84 23.20 2.15
N ALA C 28 18.56 22.18 2.60
CA ALA C 28 19.82 21.81 1.97
C ALA C 28 19.62 21.33 0.56
N VAL C 29 20.56 21.67 -0.32
CA VAL C 29 20.56 21.25 -1.70
C VAL C 29 21.08 19.81 -1.76
N THR C 30 20.40 18.96 -2.54
CA THR C 30 20.79 17.55 -2.69
C THR C 30 21.00 17.21 -4.16
N THR C 31 21.47 16.00 -4.43
CA THR C 31 21.67 15.56 -5.81
C THR C 31 20.36 15.52 -6.58
N SER C 32 19.24 15.34 -5.87
CA SER C 32 17.92 15.31 -6.51
C SER C 32 17.46 16.69 -7.02
N ASN C 33 18.19 17.75 -6.67
CA ASN C 33 18.01 19.08 -7.25
C ASN C 33 18.78 19.28 -8.55
N TYR C 34 19.69 18.36 -8.87
CA TYR C 34 20.43 18.39 -10.13
C TYR C 34 20.93 19.79 -10.48
N ALA C 35 21.70 20.39 -9.58
CA ALA C 35 22.11 21.79 -9.73
C ALA C 35 22.73 22.04 -11.08
N ASN C 36 22.27 23.09 -11.75
CA ASN C 36 22.83 23.49 -13.02
C ASN C 36 23.58 24.81 -12.87
N TRP C 37 24.57 25.03 -13.73
CA TRP C 37 25.29 26.27 -13.77
C TRP C 37 25.44 26.70 -15.21
N VAL C 38 25.05 27.95 -15.47
CA VAL C 38 25.04 28.54 -16.80
C VAL C 38 25.78 29.87 -16.74
N GLN C 39 26.52 30.18 -17.78
CA GLN C 39 27.37 31.35 -17.82
C GLN C 39 26.84 32.31 -18.85
N GLU C 40 26.81 33.59 -18.51
CA GLU C 40 26.39 34.64 -19.42
C GLU C 40 27.54 35.63 -19.62
N LYS C 41 27.99 35.76 -20.87
CA LYS C 41 29.02 36.72 -21.22
C LYS C 41 28.36 37.87 -21.97
N PRO C 42 28.99 39.04 -21.99
CA PRO C 42 28.39 40.22 -22.63
C PRO C 42 27.92 39.94 -24.06
N ARG C 43 26.84 40.60 -24.46
CA ARG C 43 26.12 40.34 -25.70
C ARG C 43 25.20 39.13 -25.59
N HIS C 44 24.74 38.85 -24.37
CA HIS C 44 23.72 37.83 -24.15
C HIS C 44 24.15 36.47 -24.72
N LEU C 45 25.43 36.14 -24.55
CA LEU C 45 25.97 34.85 -24.95
C LEU C 45 25.93 33.87 -23.79
N PHE C 46 25.04 32.89 -23.87
CA PHE C 46 24.83 31.95 -22.78
C PHE C 46 25.49 30.62 -23.11
N THR C 47 26.02 29.97 -22.08
CA THR C 47 26.72 28.70 -22.21
C THR C 47 26.45 27.84 -20.98
N GLY C 48 25.89 26.65 -21.19
CA GLY C 48 25.76 25.69 -20.12
C GLY C 48 27.12 25.17 -19.71
N LEU C 49 27.38 25.17 -18.40
CA LEU C 49 28.62 24.65 -17.86
C LEU C 49 28.42 23.28 -17.24
N ILE C 50 27.56 23.21 -16.23
CA ILE C 50 27.45 22.02 -15.38
C ILE C 50 26.01 21.71 -15.00
N GLY C 51 25.62 20.43 -15.08
CA GLY C 51 24.33 20.01 -14.60
C GLY C 51 24.38 18.72 -13.80
N GLY C 52 23.28 18.41 -13.13
CA GLY C 52 23.21 17.25 -12.27
C GLY C 52 24.26 17.31 -11.19
N THR C 53 24.48 18.52 -10.68
CA THR C 53 25.47 18.81 -9.64
C THR C 53 26.90 18.98 -10.15
N ASN C 54 27.42 17.97 -10.85
CA ASN C 54 28.87 17.85 -11.10
C ASN C 54 29.27 17.47 -12.53
N ASN C 55 28.31 17.28 -13.42
CA ASN C 55 28.58 16.79 -14.77
C ASN C 55 28.78 17.95 -15.72
N ARG C 56 29.98 18.07 -16.26
CA ARG C 56 30.28 19.14 -17.20
C ARG C 56 29.74 18.83 -18.58
N ALA C 57 29.19 19.85 -19.23
CA ALA C 57 28.84 19.77 -20.64
C ALA C 57 30.12 19.62 -21.47
N PRO C 58 30.04 18.95 -22.61
CA PRO C 58 31.18 18.80 -23.52
C PRO C 58 31.78 20.14 -23.96
N GLY C 59 33.10 20.23 -23.96
CA GLY C 59 33.80 21.45 -24.35
C GLY C 59 33.99 22.45 -23.23
N VAL C 60 33.28 22.27 -22.13
CA VAL C 60 33.40 23.17 -20.99
C VAL C 60 34.76 22.92 -20.33
N PRO C 61 35.55 23.97 -20.14
CA PRO C 61 36.84 23.87 -19.47
C PRO C 61 36.76 23.10 -18.17
N ALA C 62 37.79 22.30 -17.89
CA ALA C 62 37.82 21.44 -16.72
C ALA C 62 38.04 22.22 -15.43
N ARG C 63 38.40 23.50 -15.52
CA ARG C 63 38.57 24.33 -14.33
C ARG C 63 37.24 24.65 -13.65
N PHE C 64 36.15 24.58 -14.40
CA PHE C 64 34.80 24.67 -13.83
C PHE C 64 34.44 23.29 -13.34
N SER C 65 34.17 23.14 -12.05
CA SER C 65 33.69 21.87 -11.51
C SER C 65 32.57 22.15 -10.54
N GLY C 66 31.71 21.14 -10.34
CA GLY C 66 30.54 21.27 -9.49
C GLY C 66 30.54 20.28 -8.35
N SER C 67 29.93 20.67 -7.24
CA SER C 67 29.86 19.84 -6.05
C SER C 67 28.84 20.37 -5.06
N LEU C 68 28.58 19.60 -4.00
CA LEU C 68 27.81 20.11 -2.87
C LEU C 68 28.78 20.43 -1.74
N ILE C 69 28.75 21.66 -1.27
CA ILE C 69 29.48 22.05 -0.06
C ILE C 69 28.46 22.50 0.98
N GLY C 70 28.47 21.86 2.15
CA GLY C 70 27.52 22.18 3.20
C GLY C 70 26.09 21.98 2.75
N ASN C 71 25.28 23.02 2.82
CA ASN C 71 23.86 22.91 2.43
C ASN C 71 23.62 23.45 1.02
N LYS C 72 24.69 23.81 0.32
CA LYS C 72 24.56 24.46 -0.98
C LYS C 72 25.26 23.69 -2.10
N ALA C 73 24.82 23.91 -3.33
CA ALA C 73 25.57 23.48 -4.51
C ALA C 73 26.64 24.53 -4.78
N ALA C 74 27.80 24.12 -5.30
CA ALA C 74 28.89 25.06 -5.54
C ALA C 74 29.53 24.88 -6.92
N LEU C 75 29.82 26.00 -7.55
CA LEU C 75 30.65 26.05 -8.74
C LEU C 75 32.01 26.56 -8.32
N THR C 76 33.04 25.73 -8.47
CA THR C 76 34.42 26.17 -8.21
C THR C 76 35.11 26.40 -9.54
N ILE C 77 35.84 27.51 -9.63
CA ILE C 77 36.66 27.83 -10.78
C ILE C 77 38.10 27.79 -10.31
N THR C 78 38.85 26.81 -10.79
CA THR C 78 40.22 26.55 -10.33
C THR C 78 41.21 27.16 -11.33
N GLY C 79 41.72 28.34 -11.01
CA GLY C 79 42.58 29.09 -11.91
C GLY C 79 41.78 30.02 -12.81
N ALA C 80 41.19 31.06 -12.21
CA ALA C 80 40.30 31.97 -12.91
C ALA C 80 41.01 32.65 -14.08
N GLN C 81 40.33 32.74 -15.21
CA GLN C 81 40.86 33.39 -16.41
C GLN C 81 40.12 34.70 -16.63
N THR C 82 40.75 35.65 -17.32
CA THR C 82 40.11 36.94 -17.57
C THR C 82 38.81 36.79 -18.38
N GLU C 83 38.76 35.78 -19.24
CA GLU C 83 37.56 35.47 -20.03
C GLU C 83 36.42 34.89 -19.18
N ASP C 84 36.73 34.45 -17.96
CA ASP C 84 35.70 33.93 -17.06
C ASP C 84 34.88 35.04 -16.40
N GLU C 85 35.31 36.29 -16.55
CA GLU C 85 34.54 37.43 -16.07
C GLU C 85 33.15 37.41 -16.73
N ALA C 86 32.11 37.17 -15.93
CA ALA C 86 30.78 36.99 -16.48
C ALA C 86 29.73 36.81 -15.37
N ILE C 87 28.47 36.60 -15.77
CA ILE C 87 27.42 36.30 -14.80
C ILE C 87 27.13 34.80 -14.79
N TYR C 88 27.14 34.20 -13.60
CA TYR C 88 26.91 32.78 -13.46
C TYR C 88 25.58 32.52 -12.77
N PHE C 89 24.64 31.96 -13.52
CA PHE C 89 23.35 31.56 -12.97
C PHE C 89 23.38 30.09 -12.58
N CYS C 90 22.84 29.78 -11.41
CA CYS C 90 22.60 28.40 -11.04
C CYS C 90 21.10 28.13 -11.15
N ALA C 91 20.74 26.86 -11.25
CA ALA C 91 19.34 26.45 -11.36
C ALA C 91 19.13 25.14 -10.61
N LEU C 92 18.13 25.10 -9.74
CA LEU C 92 17.78 23.90 -8.99
C LEU C 92 16.45 23.31 -9.44
N TRP C 93 16.40 21.98 -9.52
CA TRP C 93 15.20 21.28 -9.92
C TRP C 93 14.38 20.93 -8.68
N TYR C 94 13.05 21.13 -8.67
CA TYR C 94 12.22 20.86 -7.49
C TYR C 94 11.24 19.66 -7.62
N SER C 95 11.48 18.86 -8.69
CA SER C 95 10.65 17.62 -8.84
C SER C 95 9.61 17.88 -9.91
N ASN C 96 9.36 19.09 -10.34
CA ASN C 96 8.49 19.22 -11.51
C ASN C 96 8.75 20.54 -12.20
N HIS C 97 9.76 21.26 -11.73
CA HIS C 97 9.98 22.55 -12.38
C HIS C 97 11.40 23.10 -12.09
N LEU C 98 11.96 23.97 -12.90
CA LEU C 98 13.31 24.56 -12.72
C LEU C 98 13.23 25.96 -12.19
N VAL C 99 14.05 26.28 -11.21
CA VAL C 99 14.09 27.64 -10.67
C VAL C 99 15.52 28.16 -10.68
N PHE C 100 15.73 29.29 -11.36
CA PHE C 100 17.01 29.97 -11.39
C PHE C 100 17.20 30.87 -10.18
N GLY C 101 18.43 30.92 -9.68
CA GLY C 101 18.83 31.94 -8.72
C GLY C 101 19.04 33.27 -9.39
N GLY C 102 19.46 34.26 -8.62
CA GLY C 102 19.58 35.62 -9.13
C GLY C 102 20.78 35.86 -10.02
N GLY C 103 21.82 35.05 -9.86
CA GLY C 103 23.02 35.18 -10.66
C GLY C 103 24.12 35.90 -9.91
N THR C 104 25.36 35.52 -10.18
CA THR C 104 26.52 36.12 -9.55
C THR C 104 27.39 36.78 -10.59
N LYS C 105 27.71 38.06 -10.40
CA LYS C 105 28.66 38.73 -11.27
C LYS C 105 30.08 38.50 -10.79
N LEU C 106 30.84 37.71 -11.53
CA LEU C 106 32.26 37.49 -11.22
C LEU C 106 33.14 38.47 -11.99
N THR C 107 33.90 39.26 -11.26
CA THR C 107 34.88 40.16 -11.82
C THR C 107 36.27 39.56 -11.64
N VAL C 108 37.05 39.53 -12.70
CA VAL C 108 38.42 39.07 -12.63
C VAL C 108 39.39 40.26 -12.76
N LEU C 109 40.06 40.59 -11.66
CA LEU C 109 41.09 41.63 -11.63
C LEU C 109 42.30 41.25 -12.48
N ALA D 2 -17.45 10.71 6.81
CA ALA D 2 -17.30 9.39 7.48
C ALA D 2 -17.13 9.57 8.99
N VAL D 3 -17.96 8.81 9.76
CA VAL D 3 -18.02 8.95 11.22
C VAL D 3 -17.92 7.70 12.05
N VAL D 4 -16.72 7.48 12.51
CA VAL D 4 -16.40 6.35 13.36
C VAL D 4 -17.15 6.34 14.68
N THR D 5 -17.84 5.20 14.97
CA THR D 5 -18.61 5.10 16.24
C THR D 5 -18.06 4.11 17.20
N GLN D 6 -17.96 4.54 18.45
CA GLN D 6 -17.53 3.66 19.55
C GLN D 6 -18.64 3.71 20.63
N GLU D 7 -18.74 2.63 21.43
CA GLU D 7 -19.69 2.56 22.52
C GLU D 7 -19.08 3.45 23.64
N SER D 8 -19.87 4.42 24.14
CA SER D 8 -19.48 5.43 25.17
C SER D 8 -18.80 4.90 26.40
N ALA D 9 -19.08 3.65 26.70
CA ALA D 9 -18.49 3.01 27.86
C ALA D 9 -18.41 1.49 27.74
N LEU D 10 -17.45 1.00 28.45
CA LEU D 10 -17.28 -0.40 28.53
C LEU D 10 -16.80 -0.74 29.85
N THR D 11 -17.51 -1.58 30.47
CA THR D 11 -16.99 -1.95 31.74
C THR D 11 -16.67 -3.39 31.71
N THR D 12 -15.80 -3.77 32.57
CA THR D 12 -15.45 -5.13 32.71
C THR D 12 -14.85 -5.26 34.13
N SER D 13 -14.16 -6.36 34.40
CA SER D 13 -13.51 -6.56 35.68
C SER D 13 -12.14 -7.23 35.45
N PRO D 14 -11.26 -7.22 36.46
CA PRO D 14 -9.97 -7.90 36.34
C PRO D 14 -10.10 -9.39 35.97
N GLY D 15 -9.29 -9.85 35.02
CA GLY D 15 -9.31 -11.22 34.56
C GLY D 15 -10.31 -11.48 33.43
N GLU D 16 -11.44 -10.75 33.46
CA GLU D 16 -12.48 -10.89 32.45
C GLU D 16 -12.00 -10.54 31.06
N THR D 17 -12.89 -10.76 30.10
CA THR D 17 -12.65 -10.44 28.71
C THR D 17 -13.64 -9.36 28.31
N VAL D 18 -13.12 -8.32 27.67
CA VAL D 18 -13.93 -7.20 27.21
C VAL D 18 -13.70 -6.88 25.73
N THR D 19 -14.74 -6.61 24.94
CA THR D 19 -14.39 -6.32 23.56
C THR D 19 -14.51 -4.84 23.22
N LEU D 20 -14.07 -4.37 22.08
CA LEU D 20 -14.41 -2.96 21.88
C LEU D 20 -14.84 -2.86 20.39
N THR D 21 -15.40 -1.76 19.94
CA THR D 21 -15.78 -1.87 18.57
C THR D 21 -15.61 -0.59 17.77
N CYS D 22 -15.46 -0.73 16.48
CA CYS D 22 -15.35 0.40 15.58
C CYS D 22 -16.44 0.30 14.54
N ARG D 23 -17.41 1.22 14.71
CA ARG D 23 -18.46 1.49 13.78
C ARG D 23 -17.85 2.41 12.72
N SER D 24 -18.35 2.28 11.50
CA SER D 24 -17.91 3.04 10.35
C SER D 24 -19.13 3.51 9.60
N SER D 25 -19.04 4.69 9.01
CA SER D 25 -20.16 5.27 8.32
C SER D 25 -20.41 4.78 6.88
N THR D 26 -19.38 4.38 6.12
CA THR D 26 -19.60 4.08 4.68
C THR D 26 -19.35 2.67 4.24
N GLY D 27 -19.46 1.79 5.21
CA GLY D 27 -19.29 0.42 4.94
C GLY D 27 -18.44 -0.29 5.97
N ALA D 28 -18.33 -1.54 5.66
CA ALA D 28 -17.55 -2.43 6.46
C ALA D 28 -16.19 -1.78 6.63
N VAL D 29 -15.65 -2.27 7.69
CA VAL D 29 -14.48 -1.86 8.23
C VAL D 29 -13.31 -2.80 7.99
N THR D 30 -13.23 -3.32 6.75
CA THR D 30 -12.23 -4.30 6.31
C THR D 30 -10.72 -4.00 6.52
N THR D 31 -9.92 -5.00 6.18
CA THR D 31 -8.47 -5.00 6.32
C THR D 31 -7.82 -3.79 5.73
N SER D 32 -8.37 -3.28 4.62
CA SER D 32 -7.84 -2.13 3.92
C SER D 32 -7.98 -0.85 4.72
N ASN D 33 -8.76 -0.92 5.79
CA ASN D 33 -9.00 0.24 6.64
C ASN D 33 -8.10 0.20 7.89
N TYR D 34 -6.85 -0.13 7.67
CA TYR D 34 -5.85 -0.31 8.73
C TYR D 34 -6.25 0.26 10.09
N ALA D 35 -6.90 -0.59 10.92
CA ALA D 35 -7.39 -0.17 12.22
C ALA D 35 -6.28 0.07 13.26
N ASN D 36 -6.27 1.27 13.81
CA ASN D 36 -5.37 1.62 14.89
C ASN D 36 -6.21 1.75 16.17
N TRP D 37 -5.57 1.60 17.33
CA TRP D 37 -6.22 1.77 18.61
C TRP D 37 -5.18 2.43 19.53
N VAL D 38 -5.53 3.61 20.09
CA VAL D 38 -4.61 4.37 21.00
C VAL D 38 -5.23 4.46 22.39
N GLN D 39 -4.40 4.45 23.42
CA GLN D 39 -4.90 4.49 24.82
C GLN D 39 -4.52 5.77 25.60
N GLU D 40 -5.52 6.59 25.90
CA GLU D 40 -5.34 7.81 26.68
C GLU D 40 -5.61 7.58 28.17
N LYS D 41 -4.56 7.29 28.91
CA LYS D 41 -4.61 7.18 30.34
C LYS D 41 -4.76 8.60 30.86
N PRO D 42 -5.15 8.79 32.12
CA PRO D 42 -5.28 10.15 32.70
C PRO D 42 -3.93 10.86 32.67
N ARG D 43 -3.95 12.19 32.42
CA ARG D 43 -2.74 13.00 32.30
C ARG D 43 -2.31 13.09 30.81
N HIS D 44 -3.18 12.61 29.91
CA HIS D 44 -2.90 12.62 28.47
C HIS D 44 -1.65 11.80 28.16
N LEU D 45 -1.61 10.62 28.77
CA LEU D 45 -0.55 9.65 28.50
C LEU D 45 -1.05 8.76 27.38
N PHE D 46 -0.66 9.13 26.16
CA PHE D 46 -1.04 8.39 24.97
C PHE D 46 0.03 7.36 24.65
N THR D 47 -0.43 6.15 24.28
CA THR D 47 0.46 5.05 23.94
C THR D 47 -0.22 4.25 22.84
N GLY D 48 0.39 4.22 21.66
CA GLY D 48 -0.13 3.49 20.50
C GLY D 48 -0.17 2.01 20.86
N LEU D 49 -1.31 1.33 20.58
CA LEU D 49 -1.44 -0.07 20.94
C LEU D 49 -1.45 -0.99 19.72
N ILE D 50 -2.36 -0.76 18.77
CA ILE D 50 -2.47 -1.61 17.59
C ILE D 50 -2.62 -0.79 16.30
N GLY D 51 -2.26 -1.43 15.20
CA GLY D 51 -2.36 -0.86 13.87
C GLY D 51 -2.70 -1.94 12.87
N GLY D 52 -3.08 -1.52 11.66
CA GLY D 52 -3.38 -2.42 10.53
C GLY D 52 -4.43 -3.51 10.78
N THR D 53 -5.37 -3.26 11.71
CA THR D 53 -6.46 -4.17 12.09
C THR D 53 -6.12 -4.95 13.36
N ASN D 54 -5.04 -5.72 13.30
CA ASN D 54 -4.63 -6.58 14.39
C ASN D 54 -3.12 -6.65 14.61
N ASN D 55 -2.35 -5.90 13.79
CA ASN D 55 -0.92 -5.79 13.95
C ASN D 55 -0.69 -5.04 15.27
N ARG D 56 0.47 -5.19 15.87
CA ARG D 56 0.73 -4.64 17.19
C ARG D 56 2.01 -3.81 17.27
N ALA D 57 1.98 -2.79 18.13
CA ALA D 57 3.13 -1.93 18.34
C ALA D 57 4.07 -2.57 19.37
N PRO D 58 5.35 -2.19 19.35
CA PRO D 58 6.34 -2.71 20.29
C PRO D 58 5.96 -2.54 21.76
N GLY D 59 6.30 -3.52 22.58
CA GLY D 59 6.04 -3.44 24.02
C GLY D 59 4.60 -3.71 24.39
N VAL D 60 3.67 -3.33 23.52
CA VAL D 60 2.24 -3.59 23.73
C VAL D 60 2.08 -5.06 24.11
N PRO D 61 1.67 -5.33 25.35
CA PRO D 61 1.44 -6.71 25.81
C PRO D 61 0.53 -7.49 24.90
N ALA D 62 0.68 -8.82 24.91
CA ALA D 62 -0.05 -9.67 23.97
C ALA D 62 -1.51 -9.92 24.33
N ARG D 63 -1.92 -9.53 25.55
CA ARG D 63 -3.34 -9.69 25.92
C ARG D 63 -4.24 -8.68 25.19
N PHE D 64 -3.65 -7.80 24.38
CA PHE D 64 -4.36 -6.84 23.56
C PHE D 64 -4.38 -7.34 22.11
N SER D 65 -5.55 -7.78 21.62
CA SER D 65 -5.69 -8.26 20.25
C SER D 65 -6.66 -7.48 19.42
N GLY D 66 -6.33 -7.28 18.14
CA GLY D 66 -7.24 -6.62 17.23
C GLY D 66 -7.82 -7.70 16.29
N SER D 67 -8.92 -7.39 15.64
CA SER D 67 -9.55 -8.29 14.68
C SER D 67 -10.76 -7.62 14.06
N LEU D 68 -11.42 -8.30 13.12
CA LEU D 68 -12.68 -7.83 12.57
C LEU D 68 -13.79 -8.78 13.04
N ILE D 69 -14.83 -8.22 13.64
CA ILE D 69 -16.03 -8.98 13.99
C ILE D 69 -17.22 -8.41 13.21
N GLY D 70 -17.59 -9.08 12.13
CA GLY D 70 -18.60 -8.58 11.21
C GLY D 70 -18.04 -7.43 10.40
N ASN D 71 -18.83 -6.37 10.28
CA ASN D 71 -18.44 -5.17 9.53
C ASN D 71 -17.86 -4.12 10.47
N LYS D 72 -16.97 -4.56 11.37
CA LYS D 72 -16.41 -3.71 12.43
C LYS D 72 -15.00 -4.14 12.82
N ALA D 73 -14.12 -3.16 13.00
CA ALA D 73 -12.87 -3.42 13.70
C ALA D 73 -13.19 -3.64 15.18
N ALA D 74 -12.37 -4.45 15.83
CA ALA D 74 -12.57 -4.76 17.24
C ALA D 74 -11.25 -4.81 17.95
N LEU D 75 -11.28 -4.50 19.24
CA LEU D 75 -10.13 -4.61 20.11
C LEU D 75 -10.59 -5.39 21.32
N THR D 76 -10.13 -6.62 21.41
CA THR D 76 -10.45 -7.49 22.52
C THR D 76 -9.26 -7.40 23.47
N ILE D 77 -9.55 -7.30 24.76
CA ILE D 77 -8.52 -7.46 25.78
C ILE D 77 -8.81 -8.77 26.48
N THR D 78 -7.92 -9.74 26.30
CA THR D 78 -8.04 -11.06 26.89
C THR D 78 -7.32 -11.09 28.24
N GLY D 79 -8.07 -11.11 29.33
CA GLY D 79 -7.50 -11.00 30.66
C GLY D 79 -7.20 -9.54 31.01
N ALA D 80 -8.27 -8.76 31.17
CA ALA D 80 -8.18 -7.32 31.37
C ALA D 80 -7.66 -7.00 32.76
N GLN D 81 -6.58 -6.22 32.83
CA GLN D 81 -5.98 -5.83 34.10
C GLN D 81 -6.46 -4.46 34.56
N THR D 82 -6.30 -4.20 35.85
CA THR D 82 -6.61 -2.90 36.44
C THR D 82 -6.00 -1.72 35.67
N GLU D 83 -4.78 -1.89 35.17
CA GLU D 83 -4.07 -0.81 34.49
C GLU D 83 -4.63 -0.52 33.09
N ASP D 84 -5.36 -1.47 32.53
CA ASP D 84 -6.00 -1.30 31.21
C ASP D 84 -7.17 -0.33 31.25
N GLU D 85 -7.46 0.20 32.43
CA GLU D 85 -8.39 1.29 32.59
C GLU D 85 -7.89 2.55 31.86
N ALA D 86 -8.51 2.84 30.72
CA ALA D 86 -8.11 3.95 29.87
C ALA D 86 -9.21 4.38 28.91
N ILE D 87 -9.00 5.50 28.24
CA ILE D 87 -9.78 5.86 27.08
C ILE D 87 -9.06 5.27 25.88
N TYR D 88 -9.78 4.55 25.02
CA TYR D 88 -9.21 3.87 23.86
C TYR D 88 -9.79 4.51 22.63
N PHE D 89 -8.97 5.11 21.77
CA PHE D 89 -9.40 5.72 20.52
C PHE D 89 -8.98 4.85 19.35
N CYS D 90 -9.91 4.49 18.48
CA CYS D 90 -9.57 3.78 17.25
C CYS D 90 -9.47 4.79 16.10
N ALA D 91 -8.81 4.41 15.01
CA ALA D 91 -8.71 5.28 13.84
C ALA D 91 -8.75 4.49 12.53
N LEU D 92 -9.61 4.93 11.61
CA LEU D 92 -9.81 4.24 10.32
C LEU D 92 -9.43 5.13 9.16
N TRP D 93 -8.63 4.57 8.27
CA TRP D 93 -8.21 5.27 7.06
C TRP D 93 -9.27 5.14 6.00
N TYR D 94 -9.56 6.25 5.47
CA TYR D 94 -10.54 6.32 4.48
C TYR D 94 -9.92 6.48 3.07
N SER D 95 -8.62 6.24 2.96
CA SER D 95 -7.95 6.34 1.65
C SER D 95 -7.08 7.64 1.46
N ASN D 96 -7.25 8.64 2.32
CA ASN D 96 -6.47 9.90 2.25
C ASN D 96 -6.43 10.53 3.65
N HIS D 97 -7.40 10.21 4.45
CA HIS D 97 -7.47 10.71 5.78
C HIS D 97 -7.99 9.67 6.72
N LEU D 98 -7.68 9.99 8.01
CA LEU D 98 -8.01 9.21 9.21
C LEU D 98 -9.33 9.75 9.80
N VAL D 99 -10.12 8.97 10.32
CA VAL D 99 -11.26 9.44 11.04
C VAL D 99 -11.07 8.85 12.47
N PHE D 100 -11.10 9.61 13.54
CA PHE D 100 -10.87 9.13 14.92
C PHE D 100 -12.12 8.66 15.65
N GLY D 101 -11.89 8.14 16.88
CA GLY D 101 -13.01 7.65 17.67
C GLY D 101 -13.50 8.65 18.71
N GLY D 102 -14.49 8.25 19.47
CA GLY D 102 -14.96 9.16 20.51
C GLY D 102 -14.49 8.69 21.87
N GLY D 103 -13.57 7.75 21.83
CA GLY D 103 -12.98 7.14 23.00
C GLY D 103 -13.96 6.35 23.93
N THR D 104 -13.68 5.05 24.11
CA THR D 104 -14.44 4.21 25.05
C THR D 104 -13.76 4.25 26.39
N LYS D 105 -14.49 4.59 27.43
CA LYS D 105 -13.95 4.57 28.79
C LYS D 105 -14.12 3.18 29.37
N LEU D 106 -13.01 2.49 29.57
CA LEU D 106 -13.02 1.18 30.18
C LEU D 106 -12.72 1.27 31.67
N THR D 107 -13.67 0.83 32.49
CA THR D 107 -13.50 0.78 33.93
C THR D 107 -13.24 -0.67 34.33
N VAL D 108 -12.21 -0.89 35.13
CA VAL D 108 -11.90 -2.22 35.65
C VAL D 108 -12.25 -2.27 37.14
N LEU D 109 -13.31 -3.03 37.48
CA LEU D 109 -13.72 -3.27 38.85
C LEU D 109 -12.66 -4.08 39.62
N ALA E 2 -9.84 -28.18 3.65
CA ALA E 2 -9.20 -28.38 5.00
C ALA E 2 -9.99 -29.40 5.81
N VAL E 3 -9.28 -30.38 6.36
CA VAL E 3 -9.89 -31.55 6.98
C VAL E 3 -9.44 -31.65 8.44
N VAL E 4 -10.40 -31.85 9.33
CA VAL E 4 -10.13 -31.93 10.76
C VAL E 4 -10.23 -33.38 11.23
N THR E 5 -9.15 -33.87 11.84
CA THR E 5 -9.08 -35.25 12.31
C THR E 5 -9.04 -35.37 13.83
N GLN E 6 -9.82 -36.30 14.36
CA GLN E 6 -9.80 -36.64 15.79
C GLN E 6 -9.51 -38.12 15.97
N GLU E 7 -9.24 -38.52 17.21
CA GLU E 7 -9.15 -39.94 17.54
C GLU E 7 -10.53 -40.52 17.29
N SER E 8 -10.56 -41.71 16.73
CA SER E 8 -11.83 -42.36 16.43
C SER E 8 -12.58 -42.67 17.72
N ALA E 9 -11.87 -43.28 18.68
CA ALA E 9 -12.46 -43.70 19.93
C ALA E 9 -11.40 -43.86 21.03
N LEU E 10 -11.71 -43.41 22.24
CA LEU E 10 -10.78 -43.51 23.37
C LEU E 10 -11.44 -44.08 24.62
N THR E 11 -10.66 -44.85 25.37
CA THR E 11 -11.12 -45.42 26.63
C THR E 11 -10.40 -44.79 27.81
N THR E 12 -11.14 -44.59 28.88
CA THR E 12 -10.60 -44.13 30.15
C THR E 12 -11.36 -44.80 31.28
N SER E 13 -10.87 -44.63 32.50
CA SER E 13 -11.59 -45.09 33.68
C SER E 13 -12.11 -43.86 34.40
N PRO E 14 -13.07 -44.05 35.30
CA PRO E 14 -13.57 -42.94 36.11
C PRO E 14 -12.46 -42.38 36.99
N GLY E 15 -12.38 -41.06 37.12
CA GLY E 15 -11.37 -40.41 37.93
C GLY E 15 -10.06 -40.12 37.20
N GLU E 16 -9.82 -40.77 36.08
CA GLU E 16 -8.57 -40.58 35.34
C GLU E 16 -8.63 -39.33 34.48
N THR E 17 -7.49 -38.94 33.92
CA THR E 17 -7.42 -37.78 33.04
C THR E 17 -7.24 -38.28 31.60
N VAL E 18 -8.02 -37.72 30.69
CA VAL E 18 -7.99 -38.13 29.28
C VAL E 18 -8.01 -36.94 28.34
N THR E 19 -7.13 -36.97 27.35
CA THR E 19 -6.96 -35.87 26.40
C THR E 19 -7.39 -36.29 25.00
N LEU E 20 -8.33 -35.54 24.44
CA LEU E 20 -8.78 -35.70 23.07
C LEU E 20 -8.05 -34.66 22.25
N THR E 21 -7.72 -34.98 21.00
CA THR E 21 -7.03 -34.02 20.12
C THR E 21 -7.76 -33.76 18.80
N CYS E 22 -7.41 -32.62 18.22
CA CYS E 22 -8.06 -32.06 17.05
C CYS E 22 -6.94 -31.57 16.13
N ARG E 23 -6.81 -32.21 14.97
CA ARG E 23 -5.69 -31.94 14.08
C ARG E 23 -6.18 -31.28 12.81
N SER E 24 -5.41 -30.32 12.31
CA SER E 24 -5.73 -29.64 11.05
C SER E 24 -4.84 -30.18 9.93
N SER E 25 -5.42 -30.32 8.74
CA SER E 25 -4.68 -30.81 7.58
C SER E 25 -3.73 -29.73 7.05
N THR E 26 -4.12 -28.47 7.16
CA THR E 26 -3.35 -27.36 6.59
C THR E 26 -2.10 -27.01 7.40
N GLY E 27 -1.96 -27.61 8.59
CA GLY E 27 -0.82 -27.40 9.45
C GLY E 27 -1.22 -27.32 10.92
N ALA E 28 -0.37 -26.68 11.71
CA ALA E 28 -0.60 -26.56 13.14
C ALA E 28 -1.85 -25.72 13.42
N VAL E 29 -2.58 -26.12 14.45
CA VAL E 29 -3.75 -25.40 14.91
C VAL E 29 -3.31 -24.20 15.74
N THR E 30 -3.91 -23.05 15.49
CA THR E 30 -3.58 -21.81 16.21
C THR E 30 -4.82 -21.22 16.88
N THR E 31 -4.62 -20.16 17.66
CA THR E 31 -5.76 -19.49 18.31
C THR E 31 -6.72 -18.90 17.27
N SER E 32 -6.20 -18.58 16.08
CA SER E 32 -7.05 -18.03 15.02
C SER E 32 -8.01 -19.07 14.39
N ASN E 33 -7.84 -20.34 14.76
CA ASN E 33 -8.81 -21.40 14.44
C ASN E 33 -9.95 -21.50 15.46
N TYR E 34 -9.81 -20.83 16.60
CA TYR E 34 -10.86 -20.78 17.61
C TYR E 34 -11.50 -22.14 17.86
N ALA E 35 -10.68 -23.13 18.21
CA ALA E 35 -11.15 -24.52 18.32
C ALA E 35 -12.38 -24.62 19.20
N ASN E 36 -13.40 -25.30 18.71
CA ASN E 36 -14.60 -25.56 19.48
C ASN E 36 -14.68 -27.03 19.84
N TRP E 37 -15.37 -27.31 20.94
CA TRP E 37 -15.62 -28.67 21.36
C TRP E 37 -17.07 -28.78 21.78
N VAL E 38 -17.75 -29.77 21.21
CA VAL E 38 -19.18 -30.02 21.40
C VAL E 38 -19.36 -31.48 21.77
N GLN E 39 -20.29 -31.74 22.67
CA GLN E 39 -20.50 -33.07 23.21
C GLN E 39 -21.85 -33.57 22.75
N GLU E 40 -21.90 -34.84 22.36
CA GLU E 40 -23.14 -35.49 21.97
C GLU E 40 -23.39 -36.69 22.88
N LYS E 41 -24.51 -36.65 23.60
CA LYS E 41 -24.92 -37.76 24.44
C LYS E 41 -26.09 -38.48 23.76
N PRO E 42 -26.33 -39.74 24.10
CA PRO E 42 -27.39 -40.51 23.43
C PRO E 42 -28.74 -39.80 23.43
N ARG E 43 -29.50 -40.02 22.36
CA ARG E 43 -30.73 -39.29 22.06
C ARG E 43 -30.45 -37.93 21.44
N HIS E 44 -29.31 -37.80 20.76
CA HIS E 44 -29.00 -36.61 19.98
C HIS E 44 -29.07 -35.34 20.83
N LEU E 45 -28.56 -35.44 22.06
CA LEU E 45 -28.46 -34.30 22.97
C LEU E 45 -27.10 -33.65 22.83
N PHE E 46 -27.07 -32.46 22.25
CA PHE E 46 -25.83 -31.77 21.98
C PHE E 46 -25.62 -30.64 22.98
N THR E 47 -24.36 -30.43 23.35
CA THR E 47 -23.98 -29.42 24.34
C THR E 47 -22.63 -28.83 23.95
N GLY E 48 -22.60 -27.51 23.77
CA GLY E 48 -21.34 -26.81 23.57
C GLY E 48 -20.53 -26.81 24.85
N LEU E 49 -19.27 -27.18 24.75
CA LEU E 49 -18.38 -27.17 25.91
C LEU E 49 -17.43 -25.99 25.86
N ILE E 50 -16.62 -25.90 24.81
CA ILE E 50 -15.50 -24.97 24.75
C ILE E 50 -15.35 -24.34 23.37
N GLY E 51 -15.11 -23.04 23.32
CA GLY E 51 -14.79 -22.36 22.07
C GLY E 51 -13.65 -21.37 22.20
N GLY E 52 -13.14 -20.91 21.06
CA GLY E 52 -12.01 -20.01 21.04
C GLY E 52 -10.81 -20.62 21.71
N THR E 53 -10.64 -21.93 21.53
CA THR E 53 -9.56 -22.71 22.12
C THR E 53 -9.82 -23.16 23.57
N ASN E 54 -10.10 -22.21 24.46
CA ASN E 54 -10.02 -22.45 25.91
C ASN E 54 -11.16 -21.88 26.75
N ASN E 55 -12.13 -21.24 26.11
CA ASN E 55 -13.20 -20.56 26.83
C ASN E 55 -14.39 -21.48 26.99
N ARG E 56 -14.70 -21.82 28.25
CA ARG E 56 -15.84 -22.68 28.53
C ARG E 56 -17.14 -21.92 28.44
N ALA E 57 -18.16 -22.57 27.88
CA ALA E 57 -19.52 -22.06 27.93
C ALA E 57 -20.01 -22.11 29.38
N PRO E 58 -20.90 -21.19 29.75
CA PRO E 58 -21.50 -21.18 31.09
C PRO E 58 -22.20 -22.49 31.46
N GLY E 59 -21.97 -22.95 32.70
CA GLY E 59 -22.56 -24.20 33.17
C GLY E 59 -21.75 -25.44 32.85
N VAL E 60 -20.79 -25.32 31.92
CA VAL E 60 -19.96 -26.45 31.54
C VAL E 60 -19.02 -26.76 32.69
N PRO E 61 -19.00 -28.02 33.16
CA PRO E 61 -18.10 -28.45 34.23
C PRO E 61 -16.67 -28.01 33.98
N ALA E 62 -15.99 -27.60 35.05
CA ALA E 62 -14.62 -27.09 34.96
C ALA E 62 -13.60 -28.17 34.66
N ARG E 63 -13.98 -29.44 34.75
CA ARG E 63 -13.07 -30.54 34.41
C ARG E 63 -12.78 -30.61 32.91
N PHE E 64 -13.68 -30.06 32.09
CA PHE E 64 -13.41 -29.89 30.67
C PHE E 64 -12.64 -28.61 30.52
N SER E 65 -11.43 -28.69 29.97
CA SER E 65 -10.64 -27.51 29.65
C SER E 65 -10.03 -27.64 28.27
N GLY E 66 -9.70 -26.51 27.65
CA GLY E 66 -9.17 -26.50 26.30
C GLY E 66 -7.82 -25.82 26.22
N SER E 67 -7.01 -26.28 25.27
CA SER E 67 -5.66 -25.75 25.09
C SER E 67 -5.09 -26.16 23.75
N LEU E 68 -3.93 -25.63 23.40
CA LEU E 68 -3.14 -26.15 22.28
C LEU E 68 -1.99 -26.97 22.83
N ILE E 69 -1.90 -28.23 22.40
CA ILE E 69 -0.76 -29.07 22.68
C ILE E 69 -0.11 -29.43 21.35
N GLY E 70 1.18 -29.12 21.21
CA GLY E 70 1.91 -29.38 19.97
C GLY E 70 1.27 -28.68 18.80
N ASN E 71 0.88 -29.44 17.78
CA ASN E 71 0.27 -28.85 16.57
C ASN E 71 -1.25 -28.94 16.59
N LYS E 72 -1.81 -29.42 17.69
CA LYS E 72 -3.25 -29.70 17.77
C LYS E 72 -3.94 -28.92 18.88
N ALA E 73 -5.25 -28.72 18.74
CA ALA E 73 -6.09 -28.27 19.84
C ALA E 73 -6.43 -29.50 20.68
N ALA E 74 -6.59 -29.33 21.99
CA ALA E 74 -6.88 -30.45 22.88
C ALA E 74 -7.98 -30.16 23.87
N LEU E 75 -8.85 -31.15 24.05
CA LEU E 75 -9.83 -31.15 25.13
C LEU E 75 -9.33 -32.11 26.20
N THR E 76 -9.05 -31.60 27.39
CA THR E 76 -8.66 -32.45 28.51
C THR E 76 -9.84 -32.57 29.46
N ILE E 77 -10.09 -33.79 29.92
CA ILE E 77 -11.11 -34.05 30.91
C ILE E 77 -10.40 -34.54 32.16
N THR E 78 -10.41 -33.72 33.20
CA THR E 78 -9.66 -33.97 34.42
C THR E 78 -10.58 -34.60 35.47
N GLY E 79 -10.52 -35.91 35.61
CA GLY E 79 -11.42 -36.66 36.47
C GLY E 79 -12.68 -37.09 35.74
N ALA E 80 -12.52 -38.03 34.81
CA ALA E 80 -13.62 -38.47 33.95
C ALA E 80 -14.77 -39.05 34.76
N GLN E 81 -16.00 -38.67 34.39
CA GLN E 81 -17.20 -39.15 35.06
C GLN E 81 -17.91 -40.11 34.13
N THR E 82 -18.72 -41.00 34.69
CA THR E 82 -19.46 -41.97 33.86
C THR E 82 -20.42 -41.27 32.88
N GLU E 83 -20.97 -40.13 33.29
CA GLU E 83 -21.83 -39.33 32.44
C GLU E 83 -21.09 -38.65 31.28
N ASP E 84 -19.75 -38.60 31.34
CA ASP E 84 -18.95 -38.02 30.26
C ASP E 84 -18.81 -38.97 29.07
N GLU E 85 -19.22 -40.23 29.23
CA GLU E 85 -19.24 -41.17 28.12
C GLU E 85 -20.13 -40.62 27.01
N ALA E 86 -19.51 -40.27 25.88
CA ALA E 86 -20.23 -39.59 24.80
C ALA E 86 -19.34 -39.38 23.58
N ILE E 87 -19.87 -38.75 22.55
CA ILE E 87 -19.09 -38.39 21.36
C ILE E 87 -18.70 -36.91 21.42
N TYR E 88 -17.41 -36.62 21.27
CA TYR E 88 -16.90 -35.26 21.34
C TYR E 88 -16.44 -34.81 19.96
N PHE E 89 -17.16 -33.84 19.40
CA PHE E 89 -16.77 -33.23 18.13
C PHE E 89 -15.97 -31.98 18.39
N CYS E 90 -14.88 -31.79 17.66
CA CYS E 90 -14.19 -30.51 17.64
C CYS E 90 -14.51 -29.80 16.32
N ALA E 91 -14.28 -28.50 16.30
CA ALA E 91 -14.53 -27.70 15.11
C ALA E 91 -13.49 -26.58 15.00
N LEU E 92 -12.87 -26.46 13.84
CA LEU E 92 -11.88 -25.42 13.60
C LEU E 92 -12.39 -24.37 12.61
N TRP E 93 -12.09 -23.11 12.87
CA TRP E 93 -12.49 -22.02 11.99
C TRP E 93 -11.38 -21.73 11.00
N TYR E 94 -11.68 -21.57 9.67
CA TYR E 94 -10.65 -21.36 8.65
C TYR E 94 -10.61 -19.93 8.03
N SER E 95 -11.34 -19.00 8.72
CA SER E 95 -11.28 -17.58 8.25
C SER E 95 -12.56 -17.28 7.49
N ASN E 96 -13.36 -18.24 7.11
CA ASN E 96 -14.65 -17.84 6.56
C ASN E 96 -15.64 -18.99 6.67
N HIS E 97 -15.27 -20.09 7.38
CA HIS E 97 -16.18 -21.25 7.48
C HIS E 97 -15.76 -22.20 8.64
N LEU E 98 -16.69 -22.99 9.17
CA LEU E 98 -16.39 -23.96 10.19
C LEU E 98 -16.29 -25.32 9.61
N VAL E 99 -15.37 -26.10 10.15
CA VAL E 99 -15.23 -27.46 9.72
C VAL E 99 -15.12 -28.36 10.96
N PHE E 100 -16.05 -29.32 11.06
CA PHE E 100 -16.03 -30.29 12.14
C PHE E 100 -15.13 -31.46 11.80
N GLY E 101 -14.44 -31.98 12.81
CA GLY E 101 -13.75 -33.25 12.71
C GLY E 101 -14.74 -34.40 12.78
N GLY E 102 -14.23 -35.62 12.75
CA GLY E 102 -15.06 -36.80 12.69
C GLY E 102 -15.74 -37.17 14.00
N GLY E 103 -15.15 -36.74 15.11
CA GLY E 103 -15.71 -37.01 16.42
C GLY E 103 -15.01 -38.18 17.09
N THR E 104 -14.93 -38.13 18.41
CA THR E 104 -14.28 -39.15 19.21
C THR E 104 -15.28 -39.78 20.15
N LYS E 105 -15.42 -41.11 20.10
CA LYS E 105 -16.24 -41.82 21.08
C LYS E 105 -15.44 -42.11 22.34
N LEU E 106 -15.77 -41.43 23.43
CA LEU E 106 -15.14 -41.68 24.72
C LEU E 106 -15.98 -42.67 25.53
N THR E 107 -15.37 -43.80 25.88
CA THR E 107 -15.99 -44.79 26.74
C THR E 107 -15.38 -44.67 28.13
N VAL E 108 -16.22 -44.62 29.15
CA VAL E 108 -15.76 -44.60 30.53
C VAL E 108 -16.04 -45.96 31.18
N LEU E 109 -14.98 -46.70 31.46
CA LEU E 109 -15.06 -47.97 32.19
C LEU E 109 -15.51 -47.76 33.63
N ALA F 2 -0.13 -5.60 -21.07
CA ALA F 2 0.94 -4.59 -20.77
C ALA F 2 2.32 -5.20 -21.03
N VAL F 3 3.14 -4.51 -21.83
CA VAL F 3 4.45 -4.98 -22.23
C VAL F 3 5.53 -3.99 -21.80
N VAL F 4 6.60 -4.52 -21.22
CA VAL F 4 7.71 -3.69 -20.73
C VAL F 4 8.92 -3.85 -21.66
N THR F 5 9.40 -2.70 -22.18
CA THR F 5 10.53 -2.68 -23.12
C THR F 5 11.79 -2.07 -22.54
N GLN F 6 12.84 -2.75 -22.87
CA GLN F 6 14.14 -2.34 -22.52
C GLN F 6 14.95 -2.35 -23.79
N GLU F 7 15.98 -1.50 -23.93
CA GLU F 7 16.81 -1.50 -25.13
C GLU F 7 17.70 -2.80 -25.07
N SER F 8 17.74 -3.59 -26.16
CA SER F 8 18.41 -4.91 -26.23
C SER F 8 19.90 -4.91 -25.89
N ALA F 9 20.53 -3.73 -25.98
CA ALA F 9 21.92 -3.62 -25.65
C ALA F 9 22.32 -2.23 -25.30
N LEU F 10 23.33 -2.19 -24.51
CA LEU F 10 23.84 -0.94 -24.09
C LEU F 10 25.27 -1.12 -23.70
N THR F 11 26.03 -0.40 -24.49
CA THR F 11 27.44 -0.42 -24.34
C THR F 11 27.97 0.84 -23.66
N THR F 12 28.67 0.60 -22.55
CA THR F 12 29.35 1.66 -21.80
C THR F 12 30.82 1.22 -21.56
N SER F 13 31.56 2.00 -20.79
CA SER F 13 32.94 1.65 -20.42
C SER F 13 33.16 1.91 -18.93
N PRO F 14 34.25 1.38 -18.36
CA PRO F 14 34.57 1.64 -16.95
C PRO F 14 34.67 3.13 -16.62
N GLY F 15 34.07 3.55 -15.50
CA GLY F 15 34.07 4.94 -15.08
C GLY F 15 32.95 5.77 -15.67
N GLU F 16 32.54 5.44 -16.90
CA GLU F 16 31.47 6.15 -17.60
C GLU F 16 30.13 6.03 -16.88
N THR F 17 29.17 6.74 -17.41
CA THR F 17 27.81 6.72 -16.91
C THR F 17 26.91 6.15 -18.00
N VAL F 18 26.08 5.20 -17.59
CA VAL F 18 25.17 4.53 -18.51
C VAL F 18 23.79 4.54 -17.87
N THR F 19 22.76 4.65 -18.70
CA THR F 19 21.39 4.69 -18.20
C THR F 19 20.52 3.67 -18.93
N LEU F 20 19.76 2.93 -18.14
CA LEU F 20 18.93 1.84 -18.59
C LEU F 20 17.50 2.24 -18.30
N THR F 21 16.69 2.08 -19.29
CA THR F 21 15.34 2.58 -19.18
C THR F 21 14.24 1.50 -19.15
N CYS F 22 12.99 1.90 -18.78
CA CYS F 22 11.93 0.91 -18.81
C CYS F 22 10.74 1.49 -19.56
N ARG F 23 10.15 0.77 -20.52
CA ARG F 23 8.98 1.32 -21.24
C ARG F 23 7.68 0.62 -20.86
N SER F 24 6.60 1.45 -20.73
CA SER F 24 5.24 1.04 -20.38
C SER F 24 4.27 1.38 -21.51
N SER F 25 3.62 0.33 -21.97
CA SER F 25 2.68 0.47 -23.07
C SER F 25 1.40 1.18 -22.61
N THR F 26 1.01 0.97 -21.35
CA THR F 26 -0.21 1.56 -20.81
C THR F 26 0.04 3.00 -20.40
N ALA F 28 3.22 5.76 -19.39
CA ALA F 28 3.57 6.28 -18.06
C ALA F 28 3.53 5.22 -16.97
N VAL F 29 4.66 4.55 -16.82
CA VAL F 29 5.35 4.39 -15.55
C VAL F 29 5.15 5.61 -14.65
N THR F 30 4.79 5.34 -13.40
CA THR F 30 4.70 6.36 -12.34
C THR F 30 5.32 5.81 -11.05
N THR F 31 5.55 6.71 -10.09
CA THR F 31 5.97 6.36 -8.73
C THR F 31 5.16 5.19 -8.13
N SER F 32 3.87 5.13 -8.47
CA SER F 32 2.98 4.06 -8.01
C SER F 32 3.38 2.70 -8.60
N ASN F 33 3.83 2.71 -9.86
CA ASN F 33 4.43 1.54 -10.53
C ASN F 33 5.80 1.08 -9.97
N TYR F 34 5.89 0.90 -8.65
CA TYR F 34 7.11 0.49 -7.94
C TYR F 34 8.13 -0.26 -8.80
N ALA F 35 9.06 0.49 -9.38
CA ALA F 35 10.06 -0.07 -10.28
C ALA F 35 11.11 -0.90 -9.55
N ASN F 36 11.25 -2.15 -9.97
CA ASN F 36 12.32 -3.01 -9.51
C ASN F 36 13.34 -3.18 -10.64
N TRP F 37 14.58 -3.50 -10.29
CA TRP F 37 15.60 -3.85 -11.28
C TRP F 37 16.42 -5.00 -10.71
N VAL F 38 16.54 -6.10 -11.46
CA VAL F 38 17.28 -7.30 -11.00
C VAL F 38 18.45 -7.60 -11.97
N GLN F 39 19.55 -8.13 -11.45
CA GLN F 39 20.76 -8.34 -12.26
C GLN F 39 21.16 -9.82 -12.41
N GLU F 40 20.91 -10.38 -13.61
CA GLU F 40 21.36 -11.72 -13.95
C GLU F 40 22.79 -11.73 -14.51
N LYS F 41 23.76 -11.97 -13.63
CA LYS F 41 25.11 -12.30 -14.05
C LYS F 41 25.12 -13.71 -14.66
N PRO F 42 26.17 -14.08 -15.40
CA PRO F 42 26.22 -15.42 -15.98
C PRO F 42 26.24 -16.49 -14.89
N ARG F 43 25.61 -17.63 -15.16
CA ARG F 43 25.38 -18.72 -14.20
C ARG F 43 24.06 -18.54 -13.46
N HIS F 44 23.24 -17.60 -13.93
CA HIS F 44 21.95 -17.34 -13.32
C HIS F 44 22.12 -16.88 -11.87
N LEU F 45 23.11 -16.01 -11.66
CA LEU F 45 23.30 -15.34 -10.38
C LEU F 45 22.45 -14.09 -10.35
N PHE F 46 21.26 -14.23 -9.77
CA PHE F 46 20.32 -13.13 -9.64
C PHE F 46 20.55 -12.42 -8.31
N THR F 47 20.55 -11.09 -8.35
CA THR F 47 20.67 -10.25 -7.17
C THR F 47 19.78 -9.03 -7.34
N GLY F 48 18.78 -8.89 -6.47
CA GLY F 48 17.88 -7.76 -6.51
C GLY F 48 18.67 -6.49 -6.24
N LEU F 49 18.42 -5.46 -7.04
CA LEU F 49 19.18 -4.22 -6.95
C LEU F 49 18.33 -3.05 -6.43
N ILE F 50 17.22 -2.75 -7.09
CA ILE F 50 16.36 -1.63 -6.70
C ILE F 50 14.88 -2.03 -6.63
N GLY F 51 14.13 -1.31 -5.79
CA GLY F 51 12.68 -1.42 -5.74
C GLY F 51 12.02 -0.04 -5.63
N GLY F 52 10.70 0.00 -5.80
CA GLY F 52 9.92 1.20 -5.57
C GLY F 52 10.28 2.46 -6.36
N THR F 53 10.90 2.28 -7.52
CA THR F 53 11.36 3.35 -8.43
C THR F 53 12.86 3.63 -8.25
N ASN F 54 13.23 4.00 -7.03
CA ASN F 54 14.59 4.42 -6.71
C ASN F 54 15.08 3.95 -5.33
N ASN F 55 14.20 3.27 -4.58
CA ASN F 55 14.58 2.66 -3.32
C ASN F 55 15.60 1.57 -3.61
N ARG F 56 16.37 1.17 -2.61
CA ARG F 56 17.50 0.30 -2.84
C ARG F 56 17.53 -0.88 -1.88
N ALA F 57 17.99 -2.04 -2.37
CA ALA F 57 18.12 -3.24 -1.56
C ALA F 57 19.44 -3.20 -0.80
N PRO F 58 19.51 -3.93 0.32
CA PRO F 58 20.73 -4.01 1.14
C PRO F 58 21.98 -4.42 0.38
N GLY F 59 23.12 -3.84 0.73
CA GLY F 59 24.39 -4.19 0.10
C GLY F 59 24.58 -3.59 -1.28
N VAL F 60 23.49 -3.42 -2.03
CA VAL F 60 23.53 -2.83 -3.36
C VAL F 60 24.32 -1.52 -3.24
N PRO F 61 25.49 -1.47 -3.87
CA PRO F 61 26.32 -0.26 -3.85
C PRO F 61 25.56 0.98 -4.30
N ALA F 62 26.01 2.14 -3.85
CA ALA F 62 25.27 3.40 -4.09
C ALA F 62 25.44 3.98 -5.49
N ARG F 63 26.40 3.46 -6.27
CA ARG F 63 26.56 3.91 -7.66
C ARG F 63 25.39 3.46 -8.56
N PHE F 64 24.50 2.63 -8.03
CA PHE F 64 23.27 2.21 -8.71
C PHE F 64 22.08 3.05 -8.25
N SER F 65 21.56 3.93 -9.11
CA SER F 65 20.41 4.78 -8.78
C SER F 65 19.22 4.51 -9.68
N GLY F 66 18.01 4.53 -9.10
CA GLY F 66 16.78 4.52 -9.87
C GLY F 66 16.17 5.92 -9.90
N SER F 67 15.27 6.15 -10.85
CA SER F 67 14.56 7.41 -10.97
C SER F 67 13.56 7.32 -12.11
N LEU F 68 12.80 8.39 -12.32
CA LEU F 68 11.92 8.48 -13.49
C LEU F 68 12.46 9.57 -14.41
N ILE F 69 12.67 9.22 -15.68
CA ILE F 69 13.04 10.20 -16.71
C ILE F 69 11.94 10.23 -17.76
N GLY F 70 11.07 11.24 -17.67
CA GLY F 70 9.89 11.33 -18.51
C GLY F 70 8.86 10.30 -18.07
N ASN F 71 8.28 9.60 -19.04
CA ASN F 71 7.26 8.58 -18.77
C ASN F 71 7.91 7.19 -18.72
N LYS F 72 9.04 7.10 -18.00
CA LYS F 72 9.85 5.88 -17.95
C LYS F 72 10.59 5.74 -16.63
N ALA F 73 10.59 4.53 -16.08
CA ALA F 73 11.54 4.20 -15.02
C ALA F 73 12.93 4.11 -15.63
N ALA F 74 13.94 4.44 -14.84
CA ALA F 74 15.32 4.44 -15.31
C ALA F 74 16.23 3.89 -14.23
N LEU F 75 17.33 3.29 -14.68
CA LEU F 75 18.37 2.82 -13.79
C LEU F 75 19.67 3.36 -14.33
N THR F 76 20.22 4.32 -13.62
CA THR F 76 21.48 4.93 -13.99
C THR F 76 22.53 4.25 -13.14
N ILE F 77 23.66 3.91 -13.76
CA ILE F 77 24.84 3.49 -13.02
C ILE F 77 25.84 4.61 -13.17
N THR F 78 26.14 5.27 -12.04
CA THR F 78 27.09 6.36 -11.99
C THR F 78 28.47 5.83 -11.63
N GLY F 79 29.38 5.79 -12.62
CA GLY F 79 30.68 5.17 -12.44
C GLY F 79 30.59 3.67 -12.61
N ALA F 80 30.31 3.24 -13.84
CA ALA F 80 30.07 1.83 -14.15
C ALA F 80 31.35 1.03 -14.08
N GLN F 81 31.35 -0.03 -13.28
CA GLN F 81 32.52 -0.90 -13.14
C GLN F 81 32.42 -2.12 -14.04
N THR F 82 33.57 -2.75 -14.28
CA THR F 82 33.66 -4.00 -15.03
C THR F 82 32.67 -5.07 -14.55
N GLU F 83 32.46 -5.16 -13.24
CA GLU F 83 31.60 -6.19 -12.66
C GLU F 83 30.12 -5.94 -12.90
N ASP F 84 29.77 -4.68 -13.21
CA ASP F 84 28.39 -4.31 -13.51
C ASP F 84 27.92 -4.86 -14.86
N GLU F 85 28.81 -5.56 -15.55
CA GLU F 85 28.45 -6.32 -16.73
C GLU F 85 27.44 -7.44 -16.38
N ALA F 86 26.18 -7.23 -16.75
CA ALA F 86 25.10 -8.15 -16.40
C ALA F 86 23.88 -7.96 -17.31
N ILE F 87 22.94 -8.88 -17.22
CA ILE F 87 21.61 -8.68 -17.74
C ILE F 87 20.80 -8.04 -16.62
N TYR F 88 20.10 -6.95 -16.92
CA TYR F 88 19.32 -6.21 -15.94
C TYR F 88 17.86 -6.30 -16.33
N PHE F 89 17.02 -6.88 -15.47
CA PHE F 89 15.58 -6.99 -15.71
C PHE F 89 14.84 -6.03 -14.79
N CYS F 90 13.98 -5.18 -15.36
CA CYS F 90 13.13 -4.32 -14.55
C CYS F 90 11.76 -4.99 -14.41
N ALA F 91 10.96 -4.55 -13.43
CA ALA F 91 9.61 -5.08 -13.25
C ALA F 91 8.62 -4.01 -12.76
N LEU F 92 7.47 -3.91 -13.43
CA LEU F 92 6.45 -2.89 -13.11
C LEU F 92 5.11 -3.52 -12.68
N TRP F 93 4.50 -2.93 -11.63
CA TRP F 93 3.25 -3.42 -11.12
C TRP F 93 2.10 -2.76 -11.79
N TYR F 94 1.28 -3.61 -12.25
CA TYR F 94 0.17 -3.11 -12.95
C TYR F 94 -1.06 -3.08 -12.05
N SER F 95 -0.88 -3.23 -10.75
CA SER F 95 -1.99 -3.16 -9.81
C SER F 95 -2.43 -4.54 -9.33
N ASN F 96 -1.96 -5.59 -9.95
CA ASN F 96 -2.33 -6.93 -9.50
C ASN F 96 -1.32 -7.97 -9.96
N HIS F 97 -0.42 -7.57 -10.82
CA HIS F 97 0.55 -8.53 -11.26
C HIS F 97 1.90 -7.88 -11.43
N LEU F 98 2.66 -8.44 -12.32
CA LEU F 98 3.93 -7.87 -12.59
C LEU F 98 4.19 -8.14 -14.05
N VAL F 99 4.93 -7.23 -14.68
CA VAL F 99 5.28 -7.40 -16.07
C VAL F 99 6.79 -7.14 -16.28
N PHE F 100 7.59 -8.23 -16.41
CA PHE F 100 9.07 -8.19 -16.48
C PHE F 100 9.70 -7.61 -17.72
N GLY F 101 11.00 -7.51 -17.72
CA GLY F 101 11.70 -6.93 -18.85
C GLY F 101 12.28 -7.98 -19.78
N GLY F 102 12.98 -7.55 -20.82
CA GLY F 102 13.56 -8.49 -21.76
C GLY F 102 15.05 -8.59 -21.47
N GLY F 103 15.50 -7.90 -20.42
CA GLY F 103 16.87 -7.88 -19.98
C GLY F 103 17.77 -7.10 -20.96
N THR F 104 18.49 -6.10 -20.42
CA THR F 104 19.44 -5.27 -21.17
C THR F 104 20.82 -5.81 -20.93
N LYS F 105 21.55 -6.19 -21.96
CA LYS F 105 22.92 -6.66 -21.79
C LYS F 105 23.88 -5.48 -21.75
N LEU F 106 24.47 -5.23 -20.59
CA LEU F 106 25.46 -4.16 -20.44
C LEU F 106 26.86 -4.75 -20.56
N THR F 107 27.61 -4.27 -21.53
CA THR F 107 29.00 -4.64 -21.72
C THR F 107 29.87 -3.49 -21.23
N VAL F 108 30.86 -3.81 -20.41
CA VAL F 108 31.82 -2.82 -19.94
C VAL F 108 33.18 -3.06 -20.63
N LEU F 109 33.54 -2.12 -21.50
CA LEU F 109 34.85 -2.12 -22.18
C LEU F 109 35.99 -1.90 -21.19
O1 ANQ G . 13.78 15.34 -14.15
C1 ANQ G . 13.81 16.46 -14.74
C81 ANQ G . 14.87 17.52 -14.60
C8 ANQ G . 16.07 17.61 -13.83
C82 ANQ G . 14.51 18.58 -15.38
C21 ANQ G . 13.34 18.35 -16.05
C2 ANQ G . 12.80 17.01 -15.72
O2 ANQ G . 11.71 16.48 -16.15
C3 ANQ G . 13.13 19.43 -16.76
C51 ANQ G . 15.23 19.75 -15.53
C6 ANQ G . 16.42 19.86 -14.79
C7 ANQ G . 16.82 18.80 -13.96
C5 ANQ G . 14.67 20.82 -16.45
C4 ANQ G . 13.51 20.55 -17.09
O1 ANQ H . -15.04 -15.02 13.22
C1 ANQ H . -15.92 -15.94 13.12
C81 ANQ H . -15.89 -17.26 13.83
C8 ANQ H . -15.00 -17.88 14.77
C82 ANQ H . -16.98 -17.97 13.43
C21 ANQ H . -17.75 -17.28 12.55
C2 ANQ H . -17.15 -15.94 12.26
O2 ANQ H . -17.59 -15.03 11.47
C3 ANQ H . -18.76 -18.05 12.26
C51 ANQ H . -17.34 -19.24 13.87
C6 ANQ H . -16.48 -19.85 14.78
C7 ANQ H . -15.32 -19.17 15.23
C5 ANQ H . -18.61 -19.86 13.31
C4 ANQ H . -19.32 -19.13 12.43
#